data_7A0T
#
_entry.id   7A0T
#
_cell.length_a   51.430
_cell.length_b   79.790
_cell.length_c   103.180
_cell.angle_alpha   90.000
_cell.angle_beta   100.679
_cell.angle_gamma   90.000
#
_symmetry.space_group_name_H-M   'P 1 21 1'
#
loop_
_entity.id
_entity.type
_entity.pdbx_description
1 polymer 'CrtC domain-containing protein'
2 branched alpha-D-mannopyranose-(1-2)-alpha-D-mannopyranose-(1-2)-alpha-D-mannopyranose-(1-3)-[alpha-D-mannopyranose-(1-2)-alpha-D-mannopyranose-(1-6)-[alpha-D-mannopyranose-(1-3)]alpha-D-mannopyranose-(1-6)]beta-D-mannopyranose-(1-4)-2-acetamido-2-deoxy-beta-D-glucopyranose-(1-4)-2-acetamido-2-deoxy-beta-D-glucopyranose
3 non-polymer IMIDAZOLE
4 non-polymer 2-acetamido-2-deoxy-beta-D-glucopyranose
5 water water
#
_entity_poly.entity_id   1
_entity_poly.type   'polypeptide(L)'
_entity_poly.pdbx_seq_one_letter_code
;MRASFLLTAGLATAAVGRAKSVPKKFPFKPENSKTTGTNAIPIVYGLSESQPNSVGGSWWSSSYITTTNNEQYVVLAHYL
DNPVYTYFRASTLNLETNEYHQYVTVGSSTPNITTLDVSVGNNGIKSESEDNLSKLRSYSNHDNVTFDITYDATTGAVAN
GGAGTFQFGEGLTWEFGLPSAKTEGSLTVHGEKLAIDPAKSHTWYDRQWGNTAAIPSNWTWFQLHIPSTEYKISAWIFSD
PFRNTETRFATIRGANDETLVLPLEFTPIYKRTYESATGRVTYPLDWKLKISGFGDFKLSSYTEDQELVGEDALQTAYEG
FITFSGNVHSKPVQGYGLVEIVYSTWDV
;
_entity_poly.pdbx_strand_id   A,B
#
loop_
_chem_comp.id
_chem_comp.type
_chem_comp.name
_chem_comp.formula
BMA D-saccharide, beta linking beta-D-mannopyranose 'C6 H12 O6'
IMD non-polymer IMIDAZOLE 'C3 H5 N2 1'
MAN D-saccharide, alpha linking alpha-D-mannopyranose 'C6 H12 O6'
NAG D-saccharide, beta linking 2-acetamido-2-deoxy-beta-D-glucopyranose 'C8 H15 N O6'
#
# COMPACT_ATOMS: atom_id res chain seq x y z
N LYS A 24 -27.98 7.66 -24.28
CA LYS A 24 -28.09 8.13 -22.90
C LYS A 24 -26.87 8.94 -22.49
N LYS A 25 -27.04 9.73 -21.42
CA LYS A 25 -25.99 10.60 -20.92
C LYS A 25 -25.40 10.04 -19.64
N PHE A 26 -24.09 10.22 -19.47
CA PHE A 26 -23.55 9.70 -18.22
C PHE A 26 -23.47 10.82 -17.19
N PRO A 27 -23.55 10.46 -15.89
CA PRO A 27 -23.46 11.47 -14.81
C PRO A 27 -22.01 11.87 -14.48
N PHE A 28 -21.28 12.35 -15.49
CA PHE A 28 -19.96 12.92 -15.24
C PHE A 28 -20.09 14.14 -14.33
N LYS A 29 -19.16 14.30 -13.39
CA LYS A 29 -19.15 15.44 -12.48
C LYS A 29 -17.86 15.39 -11.68
N PRO A 30 -17.40 16.54 -11.17
CA PRO A 30 -16.14 16.58 -10.43
C PRO A 30 -16.33 16.44 -8.93
N GLU A 31 -15.24 16.14 -8.25
CA GLU A 31 -15.20 16.23 -6.80
C GLU A 31 -14.69 17.61 -6.40
N ASN A 32 -14.83 17.93 -5.11
CA ASN A 32 -14.41 19.23 -4.58
C ASN A 32 -13.70 19.04 -3.25
N SER A 33 -12.58 18.32 -3.25
CA SER A 33 -11.90 17.99 -2.00
C SER A 33 -10.41 18.27 -2.12
N LYS A 34 -9.67 17.93 -1.07
CA LYS A 34 -8.22 18.10 -1.02
C LYS A 34 -7.51 16.90 -1.64
N THR A 35 -6.38 17.18 -2.29
CA THR A 35 -5.70 16.17 -3.08
C THR A 35 -5.18 15.02 -2.23
N THR A 36 -4.54 15.33 -1.11
CA THR A 36 -3.99 14.29 -0.25
C THR A 36 -4.75 14.17 1.06
N GLY A 37 -5.98 14.68 1.09
CA GLY A 37 -6.85 14.45 2.23
C GLY A 37 -6.23 14.97 3.50
N THR A 38 -6.13 14.08 4.49
CA THR A 38 -5.57 14.39 5.79
C THR A 38 -4.06 14.19 5.87
N ASN A 39 -3.45 13.60 4.85
CA ASN A 39 -2.06 13.08 4.88
C ASN A 39 -1.84 12.08 6.00
N ALA A 40 -2.92 11.48 6.54
CA ALA A 40 -2.75 10.50 7.62
C ALA A 40 -2.01 9.26 7.13
N ILE A 41 -2.16 8.91 5.87
CA ILE A 41 -1.49 7.74 5.29
C ILE A 41 -0.14 8.19 4.75
N PRO A 42 0.98 7.64 5.23
CA PRO A 42 2.34 8.09 4.85
C PRO A 42 2.83 7.51 3.52
N ILE A 43 2.31 8.09 2.43
CA ILE A 43 2.69 7.69 1.08
C ILE A 43 4.14 8.06 0.82
N VAL A 44 4.75 7.38 -0.16
CA VAL A 44 6.20 7.34 -0.30
C VAL A 44 6.76 8.48 -1.16
N TYR A 45 5.94 9.50 -1.47
CA TYR A 45 6.47 10.67 -2.17
C TYR A 45 5.54 11.86 -1.95
N GLY A 46 6.05 13.05 -2.29
CA GLY A 46 5.19 14.22 -2.46
C GLY A 46 4.72 14.31 -3.91
N LEU A 47 3.42 14.59 -4.09
CA LEU A 47 2.86 14.68 -5.44
C LEU A 47 3.52 15.77 -6.27
N SER A 48 3.65 16.98 -5.71
CA SER A 48 4.25 18.10 -6.47
C SER A 48 5.65 17.75 -6.95
N GLU A 49 6.51 17.26 -6.05
CA GLU A 49 7.88 16.92 -6.36
C GLU A 49 7.98 15.82 -7.42
N SER A 50 6.89 15.06 -7.65
CA SER A 50 6.94 13.94 -8.59
C SER A 50 6.49 14.32 -9.99
N GLN A 51 5.95 15.53 -10.17
CA GLN A 51 5.38 16.01 -11.42
C GLN A 51 6.40 16.41 -12.51
N PRO A 52 7.54 17.02 -12.18
CA PRO A 52 8.34 17.70 -13.24
C PRO A 52 8.97 16.77 -14.26
N ASN A 53 9.26 17.33 -15.44
CA ASN A 53 9.97 16.68 -16.53
C ASN A 53 11.15 15.85 -16.02
N SER A 54 11.91 16.44 -15.09
CA SER A 54 13.15 15.84 -14.64
C SER A 54 12.94 14.47 -14.01
N VAL A 55 11.73 14.18 -13.52
CA VAL A 55 11.48 12.90 -12.89
C VAL A 55 11.33 11.80 -13.95
N GLY A 56 10.90 12.15 -15.18
CA GLY A 56 10.74 11.16 -16.24
C GLY A 56 9.42 10.40 -16.17
N GLY A 57 9.27 9.43 -17.08
CA GLY A 57 8.14 8.52 -17.03
C GLY A 57 6.98 8.95 -17.91
N SER A 58 5.77 8.94 -17.35
CA SER A 58 4.54 9.04 -18.13
C SER A 58 3.55 10.01 -17.49
N TRP A 59 2.90 10.82 -18.33
CA TRP A 59 1.89 11.77 -17.91
C TRP A 59 0.66 11.55 -18.78
N TRP A 60 -0.53 11.48 -18.17
CA TRP A 60 -1.68 10.89 -18.83
C TRP A 60 -2.98 11.47 -18.28
N SER A 61 -3.94 11.74 -19.17
CA SER A 61 -5.26 12.19 -18.74
C SER A 61 -6.36 11.60 -19.62
N SER A 62 -7.50 11.27 -18.99
CA SER A 62 -8.75 10.94 -19.68
C SER A 62 -9.84 11.85 -19.14
N SER A 63 -10.43 12.67 -20.01
CA SER A 63 -11.47 13.62 -19.62
C SER A 63 -12.84 13.13 -20.06
N TYR A 64 -13.76 13.04 -19.13
CA TYR A 64 -15.15 12.66 -19.41
C TYR A 64 -15.93 13.96 -19.41
N ILE A 65 -16.38 14.37 -20.61
CA ILE A 65 -16.79 15.73 -20.90
C ILE A 65 -18.26 15.76 -21.28
N THR A 66 -18.98 16.73 -20.72
CA THR A 66 -20.25 17.21 -21.27
C THR A 66 -20.03 18.65 -21.72
N THR A 67 -20.38 18.94 -22.98
CA THR A 67 -20.25 20.31 -23.46
C THR A 67 -21.48 21.13 -23.08
N THR A 68 -21.41 22.43 -23.34
CA THR A 68 -22.53 23.34 -23.05
C THR A 68 -23.77 23.04 -23.89
N ASN A 69 -23.64 22.29 -24.99
CA ASN A 69 -24.77 21.87 -25.82
C ASN A 69 -25.22 20.44 -25.53
N ASN A 70 -24.82 19.89 -24.38
CA ASN A 70 -25.19 18.56 -23.90
C ASN A 70 -24.62 17.42 -24.74
N GLU A 71 -23.58 17.65 -25.52
CA GLU A 71 -22.86 16.55 -26.15
C GLU A 71 -21.83 15.98 -25.18
N GLN A 72 -21.58 14.67 -25.27
CA GLN A 72 -20.59 14.02 -24.41
C GLN A 72 -19.46 13.40 -25.23
N TYR A 73 -18.24 13.54 -24.69
CA TYR A 73 -17.02 13.06 -25.31
C TYR A 73 -16.11 12.45 -24.25
N VAL A 74 -15.19 11.61 -24.70
CA VAL A 74 -14.09 11.12 -23.89
C VAL A 74 -12.82 11.47 -24.66
N VAL A 75 -11.91 12.21 -24.01
CA VAL A 75 -10.72 12.74 -24.65
C VAL A 75 -9.48 12.28 -23.87
N LEU A 76 -8.53 11.69 -24.58
CA LEU A 76 -7.30 11.16 -24.00
C LEU A 76 -6.10 11.99 -24.45
N ALA A 77 -5.12 12.09 -23.55
CA ALA A 77 -3.85 12.75 -23.84
C ALA A 77 -2.75 12.01 -23.08
N HIS A 78 -1.61 11.83 -23.72
CA HIS A 78 -0.59 11.00 -23.08
C HIS A 78 0.77 11.35 -23.63
N TYR A 79 1.70 11.70 -22.74
CA TYR A 79 3.09 11.93 -23.11
C TYR A 79 3.96 10.88 -22.42
N LEU A 80 4.89 10.29 -23.17
CA LEU A 80 5.82 9.31 -22.62
C LEU A 80 7.26 9.72 -22.92
N ASP A 81 8.10 9.70 -21.91
CA ASP A 81 9.53 9.84 -22.07
C ASP A 81 10.18 8.46 -21.93
N ASN A 82 11.07 8.13 -22.86
CA ASN A 82 11.71 6.83 -22.95
C ASN A 82 13.11 7.08 -23.49
N PRO A 83 14.10 6.26 -23.12
CA PRO A 83 15.46 6.52 -23.62
C PRO A 83 15.62 6.38 -25.12
N VAL A 84 14.72 5.66 -25.80
CA VAL A 84 14.81 5.50 -27.25
C VAL A 84 14.14 6.66 -27.99
N TYR A 85 13.04 7.19 -27.44
CA TYR A 85 12.27 8.25 -28.10
C TYR A 85 11.26 8.81 -27.09
N THR A 86 10.57 9.85 -27.49
CA THR A 86 9.42 10.35 -26.75
C THR A 86 8.21 10.29 -27.68
N TYR A 87 7.01 10.38 -27.11
CA TYR A 87 5.86 10.56 -27.97
C TYR A 87 4.74 11.23 -27.20
N PHE A 88 3.88 11.91 -27.94
CA PHE A 88 2.59 12.37 -27.47
C PHE A 88 1.51 11.68 -28.29
N ARG A 89 0.44 11.22 -27.64
CA ARG A 89 -0.66 10.58 -28.35
C ARG A 89 -1.97 11.03 -27.71
N ALA A 90 -3.03 11.05 -28.53
CA ALA A 90 -4.29 11.64 -28.11
C ALA A 90 -5.43 11.07 -28.93
N SER A 91 -6.63 11.10 -28.35
CA SER A 91 -7.84 10.64 -29.05
C SER A 91 -9.05 11.39 -28.54
N THR A 92 -10.09 11.43 -29.38
CA THR A 92 -11.43 11.89 -28.98
C THR A 92 -12.45 10.85 -29.42
N LEU A 93 -13.51 10.71 -28.62
CA LEU A 93 -14.62 9.79 -28.91
C LEU A 93 -15.92 10.52 -28.63
N ASN A 94 -16.78 10.61 -29.65
CA ASN A 94 -18.13 11.14 -29.52
C ASN A 94 -19.05 10.03 -29.00
N LEU A 95 -19.69 10.26 -27.86
CA LEU A 95 -20.44 9.16 -27.25
C LEU A 95 -21.80 8.96 -27.91
N GLU A 96 -22.35 9.97 -28.59
CA GLU A 96 -23.62 9.79 -29.29
C GLU A 96 -23.42 8.99 -30.58
N THR A 97 -22.35 9.29 -31.33
CA THR A 97 -22.18 8.77 -32.67
C THR A 97 -21.06 7.74 -32.83
N ASN A 98 -20.24 7.53 -31.79
CA ASN A 98 -19.05 6.66 -31.84
C ASN A 98 -17.96 7.17 -32.79
N GLU A 99 -18.02 8.43 -33.22
CA GLU A 99 -16.97 8.93 -34.11
C GLU A 99 -15.67 9.11 -33.33
N TYR A 100 -14.60 8.48 -33.81
CA TYR A 100 -13.35 8.33 -33.07
C TYR A 100 -12.17 8.83 -33.89
N HIS A 101 -11.25 9.55 -33.26
CA HIS A 101 -10.04 10.04 -33.93
C HIS A 101 -8.86 9.90 -32.99
N GLN A 102 -7.71 9.49 -33.54
CA GLN A 102 -6.51 9.28 -32.75
C GLN A 102 -5.28 9.62 -33.58
N TYR A 103 -4.19 9.95 -32.90
CA TYR A 103 -2.88 10.02 -33.54
C TYR A 103 -1.79 9.78 -32.51
N VAL A 104 -0.62 9.38 -33.01
CA VAL A 104 0.61 9.29 -32.21
C VAL A 104 1.68 10.08 -32.96
N THR A 105 2.38 10.97 -32.26
CA THR A 105 3.44 11.74 -32.90
C THR A 105 4.72 11.58 -32.08
N VAL A 106 5.82 11.26 -32.77
CA VAL A 106 7.04 10.83 -32.10
C VAL A 106 7.99 12.02 -31.96
N GLY A 107 8.60 12.13 -30.79
CA GLY A 107 9.58 13.18 -30.54
C GLY A 107 10.94 12.59 -30.21
N SER A 108 11.88 13.42 -29.78
CA SER A 108 13.26 12.98 -29.61
C SER A 108 13.71 13.02 -28.16
N SER A 109 13.44 14.10 -27.41
CA SER A 109 13.93 14.20 -26.04
C SER A 109 12.97 15.03 -25.17
N THR A 110 13.23 14.99 -23.86
CA THR A 110 12.48 15.75 -22.86
C THR A 110 13.43 16.66 -22.09
N PRO A 111 13.24 17.97 -22.08
CA PRO A 111 14.16 18.85 -21.33
C PRO A 111 14.08 18.56 -19.83
N ASN A 112 15.24 18.58 -19.16
CA ASN A 112 15.29 18.26 -17.73
C ASN A 112 15.04 19.52 -16.89
N ILE A 113 13.80 19.98 -16.91
CA ILE A 113 13.42 21.19 -16.18
C ILE A 113 12.70 20.81 -14.89
N THR A 114 12.58 21.78 -13.97
CA THR A 114 12.01 21.53 -12.66
C THR A 114 10.53 21.86 -12.58
N THR A 115 9.85 22.00 -13.72
CA THR A 115 8.40 22.05 -13.76
C THR A 115 7.89 21.01 -14.76
N LEU A 116 6.57 20.92 -14.92
CA LEU A 116 5.94 20.01 -15.87
C LEU A 116 5.57 20.77 -17.14
N ASP A 117 6.20 20.42 -18.26
CA ASP A 117 5.94 21.02 -19.55
C ASP A 117 6.50 20.08 -20.61
N VAL A 118 5.73 19.06 -21.01
CA VAL A 118 6.18 18.05 -21.96
C VAL A 118 5.40 18.27 -23.25
N SER A 119 6.07 18.09 -24.39
CA SER A 119 5.37 18.30 -25.64
C SER A 119 6.09 17.61 -26.80
N VAL A 120 5.35 17.27 -27.82
CA VAL A 120 5.89 16.99 -29.15
C VAL A 120 5.17 17.94 -30.10
N GLY A 121 5.91 18.88 -30.68
CA GLY A 121 5.27 19.93 -31.45
C GLY A 121 4.43 20.78 -30.54
N ASN A 122 3.29 21.24 -31.06
CA ASN A 122 2.34 22.08 -30.34
C ASN A 122 1.24 21.26 -29.65
N ASN A 123 1.63 20.14 -29.04
CA ASN A 123 0.74 19.21 -28.34
C ASN A 123 1.48 18.74 -27.09
N GLY A 124 0.81 18.71 -25.93
CA GLY A 124 1.46 18.15 -24.75
C GLY A 124 0.66 18.33 -23.47
N ILE A 125 1.37 18.26 -22.35
CA ILE A 125 0.79 18.37 -21.02
C ILE A 125 1.68 19.29 -20.18
N LYS A 126 1.07 20.23 -19.46
CA LYS A 126 1.89 21.14 -18.66
C LYS A 126 1.14 21.54 -17.41
N SER A 127 1.89 21.95 -16.38
CA SER A 127 1.30 22.54 -15.20
C SER A 127 1.17 24.05 -15.38
N GLU A 128 0.13 24.62 -14.77
CA GLU A 128 -0.09 26.07 -14.80
C GLU A 128 -0.06 26.67 -13.40
N SER A 129 0.51 25.96 -12.43
CA SER A 129 0.54 26.40 -11.04
C SER A 129 1.93 26.14 -10.48
N GLU A 130 2.30 26.89 -9.45
CA GLU A 130 3.66 26.83 -8.93
C GLU A 130 3.98 25.45 -8.35
N ASP A 131 3.00 24.79 -7.74
CA ASP A 131 3.22 23.49 -7.14
C ASP A 131 3.21 22.36 -8.18
N ASN A 132 3.15 22.71 -9.47
CA ASN A 132 3.25 21.76 -10.58
C ASN A 132 2.11 20.76 -10.59
N LEU A 133 1.01 21.07 -9.90
CA LEU A 133 0.00 20.05 -9.62
C LEU A 133 -1.43 20.58 -9.56
N SER A 134 -1.65 21.73 -8.92
CA SER A 134 -3.01 22.19 -8.65
C SER A 134 -3.78 22.59 -9.90
N LYS A 135 -3.10 23.05 -10.95
CA LYS A 135 -3.75 23.41 -12.21
CA LYS A 135 -3.75 23.42 -12.21
C LYS A 135 -2.92 22.86 -13.36
N LEU A 136 -3.55 22.03 -14.19
CA LEU A 136 -2.87 21.30 -15.26
C LEU A 136 -3.60 21.50 -16.58
N ARG A 137 -2.93 21.15 -17.67
CA ARG A 137 -3.50 21.39 -19.01
C ARG A 137 -3.07 20.26 -19.94
N SER A 138 -4.03 19.68 -20.66
CA SER A 138 -3.75 18.79 -21.78
C SER A 138 -4.25 19.48 -23.05
N TYR A 139 -3.40 19.56 -24.06
CA TYR A 139 -3.73 20.31 -25.27
C TYR A 139 -3.16 19.61 -26.49
N SER A 140 -3.83 19.79 -27.62
CA SER A 140 -3.51 19.12 -28.87
C SER A 140 -3.99 20.00 -30.02
N ASN A 141 -3.21 20.05 -31.09
CA ASN A 141 -3.54 20.89 -32.22
C ASN A 141 -3.41 20.14 -33.54
N HIS A 142 -3.63 18.83 -33.51
CA HIS A 142 -3.68 18.03 -34.71
C HIS A 142 -4.93 18.39 -35.51
N ASP A 143 -4.87 18.20 -36.83
CA ASP A 143 -6.00 18.58 -37.67
C ASP A 143 -7.26 17.80 -37.30
N ASN A 144 -7.10 16.54 -36.93
CA ASN A 144 -8.26 15.71 -36.57
C ASN A 144 -8.44 15.56 -35.06
N VAL A 145 -7.52 16.07 -34.25
CA VAL A 145 -7.58 15.95 -32.79
C VAL A 145 -7.11 17.26 -32.17
N THR A 146 -8.06 18.16 -31.88
CA THR A 146 -7.74 19.50 -31.40
C THR A 146 -8.53 19.78 -30.13
N PHE A 147 -7.83 20.09 -29.05
CA PHE A 147 -8.49 20.43 -27.79
C PHE A 147 -7.52 21.20 -26.91
N ASP A 148 -8.10 21.82 -25.88
CA ASP A 148 -7.33 22.59 -24.91
C ASP A 148 -8.07 22.48 -23.58
N ILE A 149 -7.62 21.58 -22.70
CA ILE A 149 -8.38 21.16 -21.52
C ILE A 149 -7.55 21.45 -20.26
N THR A 150 -8.12 22.22 -19.34
CA THR A 150 -7.50 22.41 -18.04
C THR A 150 -8.27 21.66 -16.97
N TYR A 151 -7.58 21.30 -15.89
CA TYR A 151 -8.20 20.57 -14.80
C TYR A 151 -7.47 20.88 -13.50
N ASP A 152 -8.24 20.97 -12.41
CA ASP A 152 -7.73 21.33 -11.10
C ASP A 152 -7.77 20.10 -10.20
N ALA A 153 -6.79 20.00 -9.30
CA ALA A 153 -6.62 18.81 -8.44
C ALA A 153 -7.57 18.88 -7.24
N THR A 154 -8.87 18.78 -7.53
CA THR A 154 -9.93 18.87 -6.54
C THR A 154 -10.46 17.50 -6.13
N THR A 155 -9.59 16.50 -6.09
CA THR A 155 -10.04 15.12 -5.99
C THR A 155 -9.01 14.31 -5.21
N GLY A 156 -9.48 13.55 -4.21
CA GLY A 156 -8.62 12.70 -3.41
C GLY A 156 -7.83 11.69 -4.21
N ALA A 157 -6.50 11.68 -4.05
CA ALA A 157 -5.62 10.85 -4.88
C ALA A 157 -5.83 9.35 -4.65
N VAL A 158 -5.63 8.59 -5.72
CA VAL A 158 -5.47 7.13 -5.64
C VAL A 158 -3.97 6.84 -5.60
N ALA A 159 -3.50 6.29 -4.50
CA ALA A 159 -2.10 5.95 -4.29
C ALA A 159 -1.96 4.45 -4.53
N ASN A 160 -1.60 4.08 -5.77
CA ASN A 160 -1.61 2.67 -6.14
C ASN A 160 -0.75 1.84 -5.21
N GLY A 161 -1.26 0.67 -4.84
CA GLY A 161 -0.58 -0.20 -3.92
C GLY A 161 -0.79 0.11 -2.47
N GLY A 162 -1.48 1.21 -2.15
CA GLY A 162 -1.66 1.62 -0.76
C GLY A 162 -0.87 2.87 -0.39
N ALA A 163 0.39 2.94 -0.83
CA ALA A 163 1.26 4.04 -0.45
C ALA A 163 1.93 4.67 -1.67
N GLY A 164 1.55 4.25 -2.88
CA GLY A 164 2.01 4.88 -4.10
C GLY A 164 3.01 4.10 -4.93
N THR A 165 3.38 2.86 -4.56
CA THR A 165 4.41 2.14 -5.31
C THR A 165 4.09 0.64 -5.32
N PHE A 166 4.54 -0.09 -6.36
CA PHE A 166 4.33 -1.54 -6.39
C PHE A 166 5.25 -2.17 -7.44
N GLN A 167 5.39 -3.50 -7.37
CA GLN A 167 6.28 -4.21 -8.29
C GLN A 167 5.67 -4.25 -9.68
N PHE A 168 6.43 -3.79 -10.66
CA PHE A 168 5.97 -3.63 -12.04
C PHE A 168 7.10 -4.08 -12.97
N GLY A 169 7.00 -5.30 -13.47
CA GLY A 169 8.09 -5.87 -14.23
C GLY A 169 9.22 -6.30 -13.31
N GLU A 170 10.47 -6.09 -13.73
CA GLU A 170 11.58 -6.53 -12.89
C GLU A 170 11.83 -5.62 -11.70
N GLY A 171 11.41 -4.36 -11.76
CA GLY A 171 11.58 -3.45 -10.65
C GLY A 171 10.31 -2.71 -10.23
N LEU A 172 10.48 -1.55 -9.60
CA LEU A 172 9.38 -0.80 -8.99
C LEU A 172 8.72 0.15 -9.99
N THR A 173 7.46 0.45 -9.74
CA THR A 173 6.84 1.60 -10.39
C THR A 173 6.19 2.46 -9.31
N TRP A 174 6.02 3.73 -9.63
CA TRP A 174 5.40 4.71 -8.74
C TRP A 174 4.24 5.31 -9.52
N GLU A 175 3.06 5.34 -8.91
CA GLU A 175 1.86 5.75 -9.66
C GLU A 175 0.84 6.37 -8.71
N PHE A 176 0.28 7.52 -9.09
CA PHE A 176 -0.91 8.05 -8.42
C PHE A 176 -1.90 8.57 -9.45
N GLY A 177 -3.18 8.47 -9.11
CA GLY A 177 -4.25 8.97 -9.95
C GLY A 177 -5.01 10.07 -9.23
N LEU A 178 -5.44 11.08 -9.99
CA LEU A 178 -6.35 12.14 -9.52
C LEU A 178 -7.67 11.92 -10.25
N PRO A 179 -8.66 11.33 -9.64
CA PRO A 179 -9.70 10.64 -10.41
C PRO A 179 -10.85 11.49 -10.93
N SER A 180 -11.20 12.60 -10.27
CA SER A 180 -12.41 13.35 -10.68
C SER A 180 -12.12 14.84 -10.65
N ALA A 181 -11.14 15.27 -11.45
CA ALA A 181 -10.65 16.64 -11.41
C ALA A 181 -11.63 17.58 -12.11
N LYS A 182 -11.85 18.75 -11.49
CA LYS A 182 -12.69 19.77 -12.11
C LYS A 182 -12.03 20.24 -13.40
N THR A 183 -12.82 20.31 -14.46
CA THR A 183 -12.34 20.37 -15.83
C THR A 183 -12.98 21.53 -16.57
N GLU A 184 -12.17 22.29 -17.32
CA GLU A 184 -12.65 23.40 -18.14
C GLU A 184 -11.95 23.37 -19.49
N GLY A 185 -12.45 24.20 -20.41
CA GLY A 185 -11.77 24.43 -21.67
C GLY A 185 -12.63 24.14 -22.88
N SER A 186 -12.05 23.47 -23.88
CA SER A 186 -12.76 23.33 -25.14
C SER A 186 -12.23 22.14 -25.92
N LEU A 187 -13.08 21.67 -26.84
CA LEU A 187 -12.76 20.67 -27.83
C LEU A 187 -13.26 21.17 -29.18
N THR A 188 -12.43 21.09 -30.23
CA THR A 188 -12.81 21.57 -31.55
C THR A 188 -13.23 20.41 -32.43
N VAL A 189 -14.49 20.40 -32.86
CA VAL A 189 -15.09 19.30 -33.61
C VAL A 189 -15.57 19.86 -34.96
N HIS A 190 -14.91 19.44 -36.05
CA HIS A 190 -15.23 19.87 -37.41
C HIS A 190 -15.30 21.40 -37.51
N GLY A 191 -14.24 22.06 -37.05
CA GLY A 191 -14.13 23.49 -37.13
C GLY A 191 -14.92 24.28 -36.11
N GLU A 192 -15.74 23.61 -35.30
CA GLU A 192 -16.54 24.27 -34.27
C GLU A 192 -15.92 24.01 -32.90
N LYS A 193 -15.65 25.09 -32.16
CA LYS A 193 -15.04 25.01 -30.83
C LYS A 193 -16.15 24.85 -29.78
N LEU A 194 -16.19 23.69 -29.12
CA LEU A 194 -17.19 23.37 -28.12
C LEU A 194 -16.66 23.65 -26.72
N ALA A 195 -17.44 24.34 -25.90
CA ALA A 195 -17.02 24.67 -24.54
C ALA A 195 -17.40 23.58 -23.55
N ILE A 196 -16.50 23.28 -22.61
CA ILE A 196 -16.71 22.22 -21.63
C ILE A 196 -17.52 22.74 -20.46
N ASP A 197 -18.53 21.97 -20.05
CA ASP A 197 -19.34 22.32 -18.87
C ASP A 197 -18.70 21.72 -17.63
N PRO A 198 -18.12 22.53 -16.73
CA PRO A 198 -17.45 21.95 -15.56
C PRO A 198 -18.39 21.31 -14.55
N ALA A 199 -19.69 21.60 -14.60
CA ALA A 199 -20.59 20.95 -13.67
C ALA A 199 -20.82 19.49 -14.05
N LYS A 200 -20.59 19.12 -15.31
CA LYS A 200 -20.94 17.81 -15.83
C LYS A 200 -19.75 17.13 -16.50
N SER A 201 -18.54 17.39 -16.00
CA SER A 201 -17.34 16.81 -16.58
C SER A 201 -16.36 16.46 -15.46
N HIS A 202 -15.39 15.60 -15.77
CA HIS A 202 -14.27 15.39 -14.86
C HIS A 202 -13.13 14.72 -15.61
N THR A 203 -11.91 14.87 -15.08
CA THR A 203 -10.72 14.30 -15.67
C THR A 203 -10.03 13.38 -14.67
N TRP A 204 -9.62 12.19 -15.13
CA TRP A 204 -8.71 11.36 -14.36
C TRP A 204 -7.30 11.61 -14.90
N TYR A 205 -6.42 12.13 -14.05
CA TYR A 205 -5.01 12.38 -14.40
C TYR A 205 -4.18 11.29 -13.74
N ASP A 206 -3.31 10.65 -14.51
CA ASP A 206 -2.49 9.55 -14.00
C ASP A 206 -1.03 9.86 -14.26
N ARG A 207 -0.21 9.70 -13.22
CA ARG A 207 1.21 10.03 -13.22
C ARG A 207 1.97 8.76 -12.85
N GLN A 208 2.86 8.30 -13.73
CA GLN A 208 3.53 7.02 -13.46
C GLN A 208 4.97 7.13 -13.93
N TRP A 209 5.90 6.71 -13.08
CA TRP A 209 7.32 6.75 -13.44
C TRP A 209 7.96 5.50 -12.88
N GLY A 210 9.18 5.21 -13.33
CA GLY A 210 9.64 3.84 -13.37
C GLY A 210 11.08 3.65 -12.95
N ASN A 211 11.38 2.38 -12.67
CA ASN A 211 12.61 1.88 -12.09
C ASN A 211 13.49 1.19 -13.12
N THR A 212 12.86 0.63 -14.15
CA THR A 212 13.48 -0.32 -15.05
C THR A 212 12.94 -0.12 -16.46
N ALA A 213 13.65 -0.70 -17.43
CA ALA A 213 13.14 -0.89 -18.78
C ALA A 213 12.50 -2.25 -18.97
N ALA A 214 12.69 -3.18 -18.02
CA ALA A 214 12.06 -4.50 -18.07
C ALA A 214 10.68 -4.40 -17.43
N ILE A 215 9.73 -3.90 -18.20
CA ILE A 215 8.34 -3.82 -17.77
C ILE A 215 7.62 -5.06 -18.27
N PRO A 216 6.41 -5.39 -17.81
CA PRO A 216 5.74 -6.60 -18.28
C PRO A 216 5.60 -6.61 -19.80
N SER A 217 5.50 -7.81 -20.36
CA SER A 217 5.35 -7.95 -21.81
C SER A 217 4.00 -7.42 -22.28
N ASN A 218 2.95 -7.60 -21.48
CA ASN A 218 1.67 -6.97 -21.81
C ASN A 218 0.82 -6.88 -20.54
N TRP A 219 -0.15 -5.98 -20.57
CA TRP A 219 -1.02 -5.80 -19.42
C TRP A 219 -2.39 -5.30 -19.85
N THR A 220 -3.29 -5.28 -18.88
CA THR A 220 -4.57 -4.59 -18.98
C THR A 220 -4.69 -3.75 -17.72
N TRP A 221 -5.13 -2.51 -17.88
CA TRP A 221 -5.36 -1.60 -16.77
C TRP A 221 -6.80 -1.08 -16.85
N PHE A 222 -7.53 -1.15 -15.74
CA PHE A 222 -8.89 -0.62 -15.62
C PHE A 222 -8.94 0.60 -14.72
N GLN A 223 -9.65 1.63 -15.18
CA GLN A 223 -9.94 2.84 -14.43
C GLN A 223 -11.46 2.93 -14.30
N LEU A 224 -12.00 2.69 -13.10
CA LEU A 224 -13.44 2.51 -12.93
C LEU A 224 -14.07 3.58 -12.03
N HIS A 225 -15.22 4.09 -12.46
CA HIS A 225 -16.07 5.00 -11.69
C HIS A 225 -17.42 4.34 -11.44
N ILE A 226 -17.90 4.43 -10.20
CA ILE A 226 -19.20 3.90 -9.77
C ILE A 226 -19.97 5.05 -9.16
N PRO A 227 -20.79 5.77 -9.95
CA PRO A 227 -21.35 7.05 -9.51
C PRO A 227 -22.26 6.97 -8.29
N SER A 228 -22.77 5.80 -7.92
CA SER A 228 -23.55 5.68 -6.70
C SER A 228 -22.69 5.60 -5.43
N THR A 229 -21.36 5.75 -5.54
CA THR A 229 -20.42 5.57 -4.43
C THR A 229 -19.30 6.59 -4.57
N GLU A 230 -18.42 6.62 -3.56
CA GLU A 230 -17.20 7.41 -3.66
C GLU A 230 -15.98 6.57 -4.04
N TYR A 231 -16.18 5.33 -4.53
CA TYR A 231 -15.05 4.47 -4.90
C TYR A 231 -14.49 4.82 -6.26
N LYS A 232 -13.15 4.86 -6.33
CA LYS A 232 -12.42 5.03 -7.58
C LYS A 232 -11.41 3.89 -7.66
N ILE A 233 -11.41 3.17 -8.79
CA ILE A 233 -10.68 1.90 -8.89
C ILE A 233 -9.58 2.04 -9.92
N SER A 234 -8.35 1.68 -9.53
CA SER A 234 -7.22 1.56 -10.43
C SER A 234 -6.74 0.10 -10.34
N ALA A 235 -6.98 -0.69 -11.39
CA ALA A 235 -6.72 -2.15 -11.33
C ALA A 235 -5.75 -2.60 -12.42
N TRP A 236 -4.80 -3.45 -12.03
CA TRP A 236 -3.71 -3.93 -12.88
C TRP A 236 -3.70 -5.45 -12.95
N ILE A 237 -3.52 -6.00 -14.17
CA ILE A 237 -3.38 -7.44 -14.38
C ILE A 237 -2.24 -7.66 -15.38
N PHE A 238 -1.25 -8.48 -15.00
CA PHE A 238 -0.14 -8.86 -15.88
C PHE A 238 0.65 -10.00 -15.23
N SER A 239 1.42 -10.72 -16.06
CA SER A 239 2.31 -11.76 -15.55
C SER A 239 3.64 -11.19 -15.09
N ASP A 240 4.15 -11.70 -13.98
CA ASP A 240 5.49 -11.39 -13.52
C ASP A 240 6.36 -12.60 -13.82
N PRO A 241 7.08 -12.64 -14.94
CA PRO A 241 7.94 -13.80 -15.22
C PRO A 241 9.21 -13.84 -14.39
N PHE A 242 9.50 -12.77 -13.62
CA PHE A 242 10.69 -12.73 -12.78
C PHE A 242 10.45 -13.42 -11.44
N ARG A 243 9.30 -13.18 -10.81
CA ARG A 243 8.90 -13.95 -9.63
C ARG A 243 8.08 -15.19 -10.00
N ASN A 244 7.71 -15.34 -11.27
N ASN A 244 7.67 -15.32 -11.26
CA ASN A 244 6.82 -16.40 -11.74
CA ASN A 244 6.83 -16.43 -11.71
C ASN A 244 5.51 -16.42 -10.94
C ASN A 244 5.48 -16.44 -10.98
N THR A 245 4.83 -15.28 -10.95
CA THR A 245 3.51 -15.16 -10.34
C THR A 245 2.64 -14.30 -11.25
N GLU A 246 1.36 -14.23 -10.90
CA GLU A 246 0.37 -13.45 -11.61
C GLU A 246 -0.05 -12.25 -10.77
N THR A 247 0.20 -11.05 -11.28
CA THR A 247 -0.26 -9.83 -10.64
C THR A 247 -1.68 -9.56 -11.09
N ARG A 248 -2.59 -9.41 -10.13
CA ARG A 248 -3.99 -9.15 -10.46
C ARG A 248 -4.62 -8.53 -9.22
N PHE A 249 -4.69 -7.19 -9.20
CA PHE A 249 -5.15 -6.51 -7.99
C PHE A 249 -5.77 -5.16 -8.35
N ALA A 250 -6.52 -4.61 -7.40
CA ALA A 250 -7.11 -3.29 -7.55
C ALA A 250 -6.66 -2.42 -6.38
N THR A 251 -6.35 -1.16 -6.65
CA THR A 251 -6.26 -0.16 -5.59
C THR A 251 -7.55 0.66 -5.66
N ILE A 252 -8.27 0.73 -4.55
CA ILE A 252 -9.59 1.35 -4.49
C ILE A 252 -9.55 2.45 -3.45
N ARG A 253 -9.75 3.68 -3.90
CA ARG A 253 -9.83 4.81 -2.99
C ARG A 253 -11.30 5.03 -2.67
N GLY A 254 -11.64 5.04 -1.38
CA GLY A 254 -12.98 5.31 -0.90
C GLY A 254 -13.13 6.74 -0.38
N ALA A 255 -14.07 6.92 0.54
CA ALA A 255 -14.23 8.19 1.23
C ALA A 255 -13.21 8.30 2.35
N ASN A 256 -12.88 9.54 2.74
CA ASN A 256 -12.07 9.81 3.93
C ASN A 256 -10.65 9.23 3.84
N ASP A 257 -10.07 9.25 2.64
CA ASP A 257 -8.75 8.72 2.32
C ASP A 257 -8.63 7.20 2.47
N GLU A 258 -9.73 6.49 2.73
CA GLU A 258 -9.63 5.04 2.93
C GLU A 258 -9.16 4.37 1.65
N THR A 259 -8.25 3.40 1.76
CA THR A 259 -7.70 2.75 0.57
C THR A 259 -7.73 1.25 0.75
N LEU A 260 -8.21 0.54 -0.29
CA LEU A 260 -8.28 -0.91 -0.30
C LEU A 260 -7.33 -1.43 -1.38
N VAL A 261 -6.53 -2.45 -1.02
CA VAL A 261 -5.59 -3.12 -1.92
C VAL A 261 -6.07 -4.57 -1.99
N LEU A 262 -6.71 -4.95 -3.10
CA LEU A 262 -7.49 -6.20 -3.12
C LEU A 262 -7.10 -7.07 -4.31
N PRO A 263 -6.90 -8.37 -4.11
CA PRO A 263 -6.74 -9.28 -5.25
C PRO A 263 -8.02 -9.34 -6.08
N LEU A 264 -7.85 -9.70 -7.36
CA LEU A 264 -9.01 -9.89 -8.24
C LEU A 264 -8.77 -11.09 -9.15
N GLU A 265 -9.86 -11.56 -9.76
CA GLU A 265 -9.83 -12.54 -10.84
C GLU A 265 -10.21 -11.83 -12.13
N PHE A 266 -9.46 -12.10 -13.21
CA PHE A 266 -9.59 -11.40 -14.47
C PHE A 266 -9.96 -12.40 -15.56
N THR A 267 -10.98 -12.08 -16.34
CA THR A 267 -11.42 -12.93 -17.45
C THR A 267 -11.63 -12.09 -18.70
N PRO A 268 -10.70 -12.12 -19.65
CA PRO A 268 -10.96 -11.48 -20.95
C PRO A 268 -11.84 -12.38 -21.82
N ILE A 269 -12.81 -11.76 -22.48
CA ILE A 269 -13.82 -12.46 -23.27
C ILE A 269 -13.62 -12.10 -24.73
N TYR A 270 -13.32 -13.09 -25.57
CA TYR A 270 -13.04 -12.85 -26.98
C TYR A 270 -14.24 -13.12 -27.89
N LYS A 271 -15.46 -13.10 -27.35
CA LYS A 271 -16.66 -13.18 -28.19
C LYS A 271 -16.75 -12.02 -29.16
N ARG A 272 -16.41 -10.80 -28.69
CA ARG A 272 -16.25 -9.64 -29.54
C ARG A 272 -14.80 -9.19 -29.46
N THR A 273 -14.18 -9.00 -30.62
CA THR A 273 -12.78 -8.63 -30.70
C THR A 273 -12.60 -7.46 -31.64
N TYR A 274 -11.48 -6.78 -31.48
CA TYR A 274 -11.03 -5.80 -32.46
C TYR A 274 -9.62 -6.16 -32.88
N GLU A 275 -9.40 -6.22 -34.18
CA GLU A 275 -8.10 -6.55 -34.73
C GLU A 275 -7.28 -5.28 -34.86
N SER A 276 -6.09 -5.29 -34.28
CA SER A 276 -5.23 -4.11 -34.33
C SER A 276 -4.95 -3.71 -35.78
N ALA A 277 -4.76 -2.40 -36.00
CA ALA A 277 -4.41 -1.94 -37.33
C ALA A 277 -3.00 -2.33 -37.73
N THR A 278 -2.19 -2.80 -36.79
CA THR A 278 -0.85 -3.26 -37.09
C THR A 278 -0.83 -4.72 -37.53
N GLY A 279 -1.95 -5.42 -37.44
CA GLY A 279 -1.99 -6.84 -37.72
C GLY A 279 -1.29 -7.72 -36.70
N ARG A 280 -0.79 -7.16 -35.60
CA ARG A 280 0.05 -7.93 -34.67
C ARG A 280 -0.70 -8.50 -33.47
N VAL A 281 -1.89 -7.99 -33.11
CA VAL A 281 -2.60 -8.48 -31.92
C VAL A 281 -4.10 -8.38 -32.14
N THR A 282 -4.83 -9.16 -31.35
CA THR A 282 -6.28 -9.09 -31.30
C THR A 282 -6.69 -8.73 -29.88
N TYR A 283 -7.54 -7.67 -29.74
CA TYR A 283 -8.03 -7.18 -28.45
C TYR A 283 -9.40 -7.75 -28.14
N PRO A 284 -9.62 -8.28 -26.95
CA PRO A 284 -10.99 -8.58 -26.53
C PRO A 284 -11.73 -7.28 -26.24
N LEU A 285 -13.06 -7.36 -26.26
CA LEU A 285 -13.90 -6.18 -26.04
C LEU A 285 -14.84 -6.33 -24.84
N ASP A 286 -14.75 -7.42 -24.09
CA ASP A 286 -15.55 -7.64 -22.91
C ASP A 286 -14.71 -8.38 -21.88
N TRP A 287 -15.03 -8.14 -20.60
CA TRP A 287 -14.27 -8.71 -19.49
C TRP A 287 -15.22 -9.00 -18.33
N LYS A 288 -14.75 -9.88 -17.44
CA LYS A 288 -15.33 -10.03 -16.11
C LYS A 288 -14.24 -9.75 -15.09
N LEU A 289 -14.58 -9.03 -14.04
CA LEU A 289 -13.70 -8.85 -12.89
C LEU A 289 -14.41 -9.28 -11.63
N LYS A 290 -13.72 -10.05 -10.79
CA LYS A 290 -14.20 -10.40 -9.46
C LYS A 290 -13.16 -9.89 -8.46
N ILE A 291 -13.49 -8.81 -7.75
CA ILE A 291 -12.57 -8.19 -6.81
C ILE A 291 -12.88 -8.70 -5.41
N SER A 292 -11.89 -9.33 -4.77
CA SER A 292 -12.12 -10.07 -3.54
C SER A 292 -12.66 -9.19 -2.42
N GLY A 293 -13.83 -9.58 -1.89
CA GLY A 293 -14.45 -8.89 -0.78
C GLY A 293 -15.10 -7.57 -1.14
N PHE A 294 -15.17 -7.22 -2.42
CA PHE A 294 -15.67 -5.92 -2.86
C PHE A 294 -16.83 -6.08 -3.83
N GLY A 295 -16.63 -6.79 -4.93
CA GLY A 295 -17.71 -6.96 -5.88
C GLY A 295 -17.25 -7.63 -7.14
N ASP A 296 -18.21 -7.75 -8.07
CA ASP A 296 -18.03 -8.44 -9.34
C ASP A 296 -18.59 -7.57 -10.45
N PHE A 297 -17.95 -7.59 -11.61
CA PHE A 297 -18.28 -6.66 -12.68
C PHE A 297 -18.25 -7.36 -14.03
N LYS A 298 -19.11 -6.90 -14.94
CA LYS A 298 -19.10 -7.29 -16.35
C LYS A 298 -18.92 -6.04 -17.18
N LEU A 299 -17.83 -5.97 -17.94
CA LEU A 299 -17.40 -4.72 -18.58
C LEU A 299 -17.36 -4.91 -20.09
N SER A 300 -17.74 -3.85 -20.82
CA SER A 300 -17.89 -3.92 -22.26
C SER A 300 -17.33 -2.66 -22.90
N SER A 301 -16.50 -2.84 -23.92
CA SER A 301 -15.98 -1.73 -24.69
C SER A 301 -17.12 -1.02 -25.43
N TYR A 302 -17.13 0.30 -25.36
CA TYR A 302 -18.26 1.09 -25.86
C TYR A 302 -18.37 0.99 -27.38
N THR A 303 -17.25 0.91 -28.09
CA THR A 303 -17.24 0.70 -29.53
C THR A 303 -15.96 -0.02 -29.88
N GLU A 304 -15.93 -0.62 -31.08
CA GLU A 304 -14.87 -1.57 -31.42
C GLU A 304 -13.51 -0.90 -31.53
N ASP A 305 -13.40 0.12 -32.37
CA ASP A 305 -12.11 0.71 -32.71
C ASP A 305 -11.82 1.85 -31.72
N GLN A 306 -10.98 1.57 -30.74
CA GLN A 306 -10.47 2.59 -29.83
C GLN A 306 -8.96 2.41 -29.63
N GLU A 307 -8.23 2.24 -30.74
CA GLU A 307 -6.81 1.92 -30.70
C GLU A 307 -5.97 3.13 -31.12
N LEU A 308 -5.00 3.51 -30.27
CA LEU A 308 -3.94 4.43 -30.66
C LEU A 308 -2.87 3.66 -31.43
N VAL A 309 -2.67 4.03 -32.70
CA VAL A 309 -1.84 3.25 -33.63
C VAL A 309 -0.48 3.92 -33.75
N GLY A 310 0.54 3.28 -33.19
CA GLY A 310 1.91 3.74 -33.30
C GLY A 310 2.79 2.83 -34.17
N GLU A 311 4.03 3.27 -34.36
CA GLU A 311 4.97 2.59 -35.24
C GLU A 311 5.48 1.27 -34.67
N ASP A 312 5.45 1.08 -33.36
CA ASP A 312 5.92 -0.15 -32.73
C ASP A 312 4.97 -0.49 -31.59
N ALA A 313 5.32 -1.53 -30.80
CA ALA A 313 4.42 -2.03 -29.76
C ALA A 313 4.20 -0.99 -28.65
N LEU A 314 5.28 -0.45 -28.09
CA LEU A 314 5.15 0.47 -26.97
C LEU A 314 4.46 1.79 -27.35
N GLN A 315 4.38 2.09 -28.64
CA GLN A 315 3.66 3.27 -29.12
C GLN A 315 2.20 3.00 -29.39
N THR A 316 1.75 1.76 -29.25
CA THR A 316 0.40 1.33 -29.59
C THR A 316 -0.34 0.98 -28.30
N ALA A 317 -1.64 1.25 -28.26
CA ALA A 317 -2.45 0.88 -27.11
C ALA A 317 -3.92 0.91 -27.48
N TYR A 318 -4.68 0.00 -26.88
CA TYR A 318 -6.14 0.10 -26.87
C TYR A 318 -6.47 0.94 -25.64
N GLU A 319 -7.14 2.07 -25.85
CA GLU A 319 -7.50 3.02 -24.78
C GLU A 319 -8.96 3.37 -25.00
N GLY A 320 -9.86 2.58 -24.44
CA GLY A 320 -11.26 2.60 -24.81
C GLY A 320 -12.17 2.96 -23.66
N PHE A 321 -13.16 3.79 -23.95
CA PHE A 321 -14.26 4.00 -23.02
C PHE A 321 -15.03 2.71 -22.83
N ILE A 322 -15.42 2.42 -21.58
CA ILE A 322 -16.14 1.20 -21.24
C ILE A 322 -17.30 1.54 -20.30
N THR A 323 -18.30 0.66 -20.30
CA THR A 323 -19.41 0.69 -19.36
C THR A 323 -19.49 -0.68 -18.73
N PHE A 324 -20.07 -0.74 -17.54
CA PHE A 324 -20.15 -2.01 -16.85
C PHE A 324 -21.36 -2.05 -15.93
N SER A 325 -21.74 -3.26 -15.56
CA SER A 325 -22.71 -3.50 -14.51
C SER A 325 -22.03 -4.40 -13.50
N GLY A 326 -22.62 -4.52 -12.33
CA GLY A 326 -22.11 -5.47 -11.35
C GLY A 326 -22.76 -5.29 -10.00
N ASN A 327 -22.10 -5.84 -8.99
CA ASN A 327 -22.56 -5.78 -7.61
C ASN A 327 -21.41 -5.35 -6.74
N VAL A 328 -21.64 -4.35 -5.88
CA VAL A 328 -20.68 -3.93 -4.86
C VAL A 328 -21.34 -4.14 -3.51
N HIS A 329 -20.74 -4.98 -2.66
CA HIS A 329 -21.27 -5.28 -1.33
C HIS A 329 -22.74 -5.68 -1.41
N SER A 330 -23.03 -6.60 -2.32
CA SER A 330 -24.36 -7.18 -2.55
C SER A 330 -25.37 -6.17 -3.10
N LYS A 331 -24.94 -4.99 -3.53
CA LYS A 331 -25.88 -4.07 -4.14
C LYS A 331 -25.59 -3.92 -5.63
N PRO A 332 -26.61 -3.99 -6.49
CA PRO A 332 -26.36 -3.85 -7.93
C PRO A 332 -25.89 -2.43 -8.26
N VAL A 333 -24.93 -2.34 -9.19
CA VAL A 333 -24.36 -1.05 -9.59
C VAL A 333 -24.13 -1.00 -11.09
N GLN A 334 -24.03 0.21 -11.61
CA GLN A 334 -23.61 0.49 -12.97
C GLN A 334 -22.51 1.53 -12.94
N GLY A 335 -21.69 1.55 -13.99
CA GLY A 335 -20.58 2.49 -14.01
C GLY A 335 -19.93 2.56 -15.37
N TYR A 336 -18.83 3.31 -15.42
CA TYR A 336 -18.12 3.59 -16.66
C TYR A 336 -16.65 3.82 -16.33
N GLY A 337 -15.84 3.94 -17.37
CA GLY A 337 -14.42 4.20 -17.17
C GLY A 337 -13.65 3.88 -18.45
N LEU A 338 -12.42 3.42 -18.25
CA LEU A 338 -11.51 3.16 -19.37
C LEU A 338 -10.78 1.86 -19.12
N VAL A 339 -10.49 1.15 -20.21
CA VAL A 339 -9.60 0.00 -20.22
C VAL A 339 -8.39 0.35 -21.07
N GLU A 340 -7.20 0.03 -20.57
CA GLU A 340 -5.97 0.17 -21.34
C GLU A 340 -5.41 -1.22 -21.60
N ILE A 341 -5.09 -1.50 -22.87
CA ILE A 341 -4.45 -2.75 -23.25
C ILE A 341 -3.16 -2.43 -23.98
N VAL A 342 -2.04 -2.86 -23.41
CA VAL A 342 -0.72 -2.54 -23.94
C VAL A 342 0.07 -3.83 -24.07
N TYR A 343 0.75 -3.98 -25.21
CA TYR A 343 1.81 -4.96 -25.40
C TYR A 343 3.12 -4.18 -25.49
N SER A 344 4.02 -4.37 -24.52
CA SER A 344 5.32 -3.73 -24.64
C SER A 344 6.18 -4.37 -25.73
N THR A 345 5.86 -5.60 -26.11
CA THR A 345 6.49 -6.32 -27.22
C THR A 345 5.45 -7.21 -27.86
N TRP A 346 5.61 -7.44 -29.17
CA TRP A 346 4.77 -8.41 -29.87
C TRP A 346 5.44 -9.78 -29.99
N ASP A 347 6.70 -9.91 -29.58
CA ASP A 347 7.44 -11.17 -29.63
C ASP A 347 6.79 -12.23 -28.72
N VAL A 348 7.17 -13.49 -28.95
CA VAL A 348 6.80 -14.66 -28.12
C VAL A 348 5.30 -14.96 -28.23
N PRO B 23 -9.02 -14.49 36.20
CA PRO B 23 -7.93 -14.41 35.22
C PRO B 23 -8.20 -15.29 33.99
N LYS B 24 -8.81 -14.71 32.96
CA LYS B 24 -9.26 -15.46 31.79
C LYS B 24 -8.08 -16.04 31.01
N LYS B 25 -8.39 -17.03 30.17
CA LYS B 25 -7.41 -17.64 29.27
C LYS B 25 -7.66 -17.14 27.85
N PHE B 26 -6.61 -16.75 27.17
CA PHE B 26 -6.85 -16.18 25.85
C PHE B 26 -6.77 -17.25 24.77
N PRO B 27 -7.53 -17.10 23.67
CA PRO B 27 -7.57 -18.11 22.61
C PRO B 27 -6.42 -18.02 21.60
N PHE B 28 -5.19 -17.99 22.10
CA PHE B 28 -4.02 -18.02 21.22
C PHE B 28 -4.05 -19.27 20.33
N LYS B 29 -3.81 -19.08 19.03
CA LYS B 29 -3.77 -20.21 18.11
C LYS B 29 -3.13 -19.79 16.78
N PRO B 30 -2.45 -20.70 16.08
CA PRO B 30 -1.81 -20.31 14.82
C PRO B 30 -2.71 -20.49 13.61
N GLU B 31 -2.32 -19.82 12.52
CA GLU B 31 -2.85 -20.12 11.20
C GLU B 31 -1.99 -21.19 10.54
N ASN B 32 -2.51 -21.77 9.46
CA ASN B 32 -1.83 -22.79 8.68
C ASN B 32 -1.88 -22.41 7.20
N SER B 33 -1.27 -21.27 6.87
CA SER B 33 -1.41 -20.59 5.59
C SER B 33 -0.08 -20.48 4.87
N LYS B 34 -0.15 -20.10 3.59
CA LYS B 34 1.04 -19.70 2.85
C LYS B 34 1.35 -18.23 3.12
N THR B 35 2.63 -17.92 3.23
CA THR B 35 3.08 -16.64 3.76
C THR B 35 2.66 -15.46 2.89
N THR B 36 2.66 -15.63 1.57
CA THR B 36 2.24 -14.54 0.66
C THR B 36 0.98 -14.88 -0.10
N GLY B 37 0.19 -15.85 0.40
CA GLY B 37 -1.11 -16.14 -0.17
C GLY B 37 -1.02 -16.42 -1.66
N THR B 38 -1.87 -15.74 -2.43
CA THR B 38 -1.93 -15.95 -3.87
C THR B 38 -0.85 -15.19 -4.64
N ASN B 39 -0.09 -14.29 -3.99
CA ASN B 39 0.84 -13.38 -4.65
C ASN B 39 0.15 -12.44 -5.64
N ALA B 40 -1.18 -12.31 -5.57
CA ALA B 40 -1.88 -11.43 -6.51
C ALA B 40 -1.51 -9.96 -6.31
N ILE B 41 -1.22 -9.53 -5.09
CA ILE B 41 -0.83 -8.16 -4.81
C ILE B 41 0.69 -8.06 -5.00
N PRO B 42 1.19 -7.16 -5.88
CA PRO B 42 2.65 -7.05 -6.18
C PRO B 42 3.46 -6.26 -5.16
N ILE B 43 3.68 -6.86 -3.99
CA ILE B 43 4.48 -6.21 -2.94
C ILE B 43 5.92 -6.01 -3.44
N VAL B 44 6.64 -5.09 -2.77
CA VAL B 44 7.85 -4.54 -3.36
C VAL B 44 9.12 -5.29 -2.94
N TYR B 45 8.97 -6.48 -2.36
CA TYR B 45 10.15 -7.30 -2.09
C TYR B 45 9.76 -8.76 -2.00
N GLY B 46 10.77 -9.62 -2.08
CA GLY B 46 10.64 -10.99 -1.62
C GLY B 46 10.96 -11.07 -0.13
N LEU B 47 10.15 -11.85 0.59
CA LEU B 47 10.33 -12.01 2.04
C LEU B 47 11.65 -12.70 2.39
N SER B 48 11.96 -13.82 1.72
CA SER B 48 13.18 -14.55 2.05
C SER B 48 14.42 -13.69 1.88
N GLU B 49 14.48 -12.94 0.77
CA GLU B 49 15.64 -12.12 0.43
C GLU B 49 15.78 -10.92 1.35
N SER B 50 14.74 -10.59 2.11
CA SER B 50 14.77 -9.45 3.04
C SER B 50 15.23 -9.84 4.44
N GLN B 51 15.42 -11.15 4.71
CA GLN B 51 15.74 -11.62 6.05
C GLN B 51 17.21 -11.53 6.49
N PRO B 52 18.21 -11.73 5.61
CA PRO B 52 19.60 -11.89 6.11
C PRO B 52 20.16 -10.65 6.81
N ASN B 53 21.24 -10.89 7.56
CA ASN B 53 21.97 -9.84 8.27
C ASN B 53 22.34 -8.68 7.35
N SER B 54 22.77 -8.99 6.12
CA SER B 54 23.25 -7.98 5.17
C SER B 54 22.22 -6.89 4.87
N VAL B 55 20.93 -7.15 5.09
CA VAL B 55 19.90 -6.16 4.80
C VAL B 55 19.85 -5.06 5.88
N GLY B 56 20.28 -5.37 7.11
CA GLY B 56 20.29 -4.40 8.19
C GLY B 56 18.93 -4.26 8.88
N GLY B 57 18.90 -3.41 9.89
CA GLY B 57 17.64 -2.99 10.52
C GLY B 57 17.29 -3.81 11.76
N SER B 58 16.02 -4.23 11.84
CA SER B 58 15.42 -4.76 13.06
C SER B 58 14.78 -6.12 12.83
N TRP B 59 14.89 -7.00 13.83
CA TRP B 59 14.26 -8.32 13.83
C TRP B 59 13.58 -8.51 15.18
N TRP B 60 12.31 -8.92 15.18
CA TRP B 60 11.45 -8.75 16.34
C TRP B 60 10.40 -9.85 16.40
N SER B 61 10.11 -10.38 17.61
CA SER B 61 9.02 -11.35 17.76
C SER B 61 8.27 -11.17 19.07
N SER B 62 6.95 -11.38 19.02
CA SER B 62 6.12 -11.41 20.23
C SER B 62 5.35 -12.73 20.23
N SER B 63 5.69 -13.63 21.16
CA SER B 63 5.07 -14.94 21.21
C SER B 63 3.99 -14.99 22.29
N TYR B 64 2.77 -15.35 21.89
CA TYR B 64 1.65 -15.51 22.82
C TYR B 64 1.50 -17.01 23.07
N ILE B 65 1.85 -17.44 24.28
CA ILE B 65 2.13 -18.85 24.56
C ILE B 65 1.11 -19.43 25.53
N THR B 66 0.65 -20.65 25.22
CA THR B 66 0.05 -21.55 26.20
C THR B 66 0.95 -22.76 26.41
N THR B 67 1.32 -23.02 27.67
CA THR B 67 2.18 -24.16 27.97
C THR B 67 1.34 -25.44 28.10
N THR B 68 2.05 -26.56 28.25
CA THR B 68 1.37 -27.84 28.44
C THR B 68 0.67 -27.94 29.79
N ASN B 69 0.99 -27.06 30.75
CA ASN B 69 0.27 -27.02 32.01
C ASN B 69 -0.71 -25.86 32.06
N ASN B 70 -1.12 -25.35 30.90
CA ASN B 70 -2.13 -24.31 30.73
C ASN B 70 -1.72 -22.97 31.32
N GLU B 71 -0.43 -22.73 31.51
CA GLU B 71 -0.01 -21.37 31.82
C GLU B 71 0.10 -20.56 30.52
N GLN B 72 -0.04 -19.24 30.65
CA GLN B 72 0.03 -18.35 29.49
C GLN B 72 1.06 -17.26 29.70
N TYR B 73 1.89 -17.04 28.69
CA TYR B 73 2.95 -16.05 28.72
C TYR B 73 2.95 -15.23 27.43
N VAL B 74 3.45 -14.00 27.53
CA VAL B 74 3.86 -13.21 26.37
C VAL B 74 5.37 -13.01 26.47
N VAL B 75 6.08 -13.30 25.38
CA VAL B 75 7.54 -13.36 25.37
C VAL B 75 8.03 -12.52 24.19
N LEU B 76 8.87 -11.52 24.45
CA LEU B 76 9.38 -10.63 23.42
C LEU B 76 10.86 -10.88 23.16
N ALA B 77 11.27 -10.77 21.90
CA ALA B 77 12.68 -10.82 21.53
C ALA B 77 12.94 -9.79 20.44
N HIS B 78 14.09 -9.12 20.50
CA HIS B 78 14.32 -8.05 19.55
C HIS B 78 15.81 -7.79 19.39
N TYR B 79 16.27 -7.80 18.14
CA TYR B 79 17.64 -7.44 17.78
C TYR B 79 17.60 -6.20 16.88
N LEU B 80 18.44 -5.21 17.18
CA LEU B 80 18.55 -4.01 16.36
C LEU B 80 20.00 -3.77 15.97
N ASP B 81 20.23 -3.51 14.69
CA ASP B 81 21.53 -3.08 14.18
C ASP B 81 21.53 -1.58 13.95
N ASN B 82 22.54 -0.90 14.47
CA ASN B 82 22.64 0.56 14.43
C ASN B 82 24.10 0.93 14.25
N PRO B 83 24.40 2.03 13.54
CA PRO B 83 25.81 2.33 13.22
C PRO B 83 26.72 2.46 14.44
N VAL B 84 26.19 2.90 15.57
CA VAL B 84 27.01 3.08 16.77
C VAL B 84 27.08 1.81 17.61
N TYR B 85 25.98 1.07 17.72
CA TYR B 85 25.95 -0.14 18.53
C TYR B 85 24.91 -1.08 17.96
N THR B 86 24.87 -2.28 18.53
CA THR B 86 23.78 -3.23 18.36
C THR B 86 23.20 -3.50 19.73
N TYR B 87 22.03 -4.15 19.76
CA TYR B 87 21.52 -4.63 21.02
C TYR B 87 20.50 -5.73 20.78
N PHE B 88 20.35 -6.57 21.81
CA PHE B 88 19.30 -7.56 21.92
C PHE B 88 18.56 -7.29 23.22
N ARG B 89 17.23 -7.39 23.19
CA ARG B 89 16.43 -7.19 24.38
C ARG B 89 15.25 -8.17 24.35
N ALA B 90 14.74 -8.49 25.53
CA ALA B 90 13.77 -9.57 25.63
C ALA B 90 13.00 -9.45 26.93
N SER B 91 11.82 -10.07 26.98
CA SER B 91 11.02 -9.99 28.19
C SER B 91 10.05 -11.16 28.26
N THR B 92 9.60 -11.44 29.49
CA THR B 92 8.57 -12.44 29.73
C THR B 92 7.50 -11.86 30.66
N LEU B 93 6.25 -12.22 30.41
CA LEU B 93 5.13 -11.80 31.23
C LEU B 93 4.21 -12.98 31.47
N ASN B 94 3.90 -13.25 32.75
CA ASN B 94 2.97 -14.32 33.13
C ASN B 94 1.57 -13.73 33.23
N LEU B 95 0.65 -14.23 32.40
CA LEU B 95 -0.66 -13.58 32.35
C LEU B 95 -1.51 -13.88 33.58
N GLU B 96 -1.17 -14.92 34.36
CA GLU B 96 -1.91 -15.19 35.59
C GLU B 96 -1.41 -14.36 36.77
N THR B 97 -0.10 -14.21 36.92
CA THR B 97 0.47 -13.57 38.10
C THR B 97 1.01 -12.16 37.86
N ASN B 98 1.10 -11.72 36.61
CA ASN B 98 1.70 -10.43 36.21
C ASN B 98 3.20 -10.36 36.46
N GLU B 99 3.86 -11.46 36.85
CA GLU B 99 5.30 -11.44 37.00
C GLU B 99 5.96 -11.11 35.66
N TYR B 100 6.85 -10.11 35.68
CA TYR B 100 7.47 -9.54 34.49
C TYR B 100 8.98 -9.45 34.69
N HIS B 101 9.75 -9.84 33.65
CA HIS B 101 11.20 -9.75 33.65
C HIS B 101 11.66 -9.27 32.28
N GLN B 102 12.74 -8.46 32.25
CA GLN B 102 13.20 -7.86 31.01
C GLN B 102 14.70 -7.55 31.11
N TYR B 103 15.36 -7.48 29.95
CA TYR B 103 16.72 -6.94 29.92
C TYR B 103 17.04 -6.44 28.51
N VAL B 104 18.11 -5.63 28.45
CA VAL B 104 18.73 -5.13 27.24
C VAL B 104 20.22 -5.37 27.36
N THR B 105 20.83 -5.99 26.35
CA THR B 105 22.27 -6.16 26.34
C THR B 105 22.83 -5.59 25.04
N VAL B 106 23.94 -4.86 25.14
CA VAL B 106 24.46 -4.03 24.06
C VAL B 106 25.69 -4.69 23.45
N GLY B 107 25.74 -4.70 22.11
CA GLY B 107 26.87 -5.23 21.37
C GLY B 107 27.50 -4.12 20.56
N SER B 108 28.52 -4.51 19.76
CA SER B 108 29.21 -3.54 18.93
C SER B 108 28.90 -3.64 17.44
N SER B 109 28.77 -4.84 16.85
CA SER B 109 28.51 -4.90 15.42
C SER B 109 27.69 -6.14 15.08
N THR B 110 27.28 -6.21 13.81
CA THR B 110 26.49 -7.29 13.23
C THR B 110 27.24 -7.87 12.05
N PRO B 111 27.59 -9.15 12.04
CA PRO B 111 28.26 -9.74 10.87
C PRO B 111 27.45 -9.51 9.61
N ASN B 112 28.11 -9.05 8.55
CA ASN B 112 27.47 -8.85 7.26
C ASN B 112 27.55 -10.17 6.50
N ILE B 113 26.45 -10.94 6.53
CA ILE B 113 26.39 -12.28 5.97
C ILE B 113 25.07 -12.44 5.21
N THR B 114 25.03 -13.44 4.33
CA THR B 114 23.88 -13.68 3.46
C THR B 114 22.85 -14.63 4.08
N THR B 115 22.97 -14.95 5.37
CA THR B 115 21.96 -15.67 6.14
C THR B 115 21.52 -14.80 7.32
N LEU B 116 20.52 -15.28 8.05
CA LEU B 116 19.99 -14.61 9.24
C LEU B 116 20.56 -15.30 10.49
N ASP B 117 21.39 -14.57 11.23
CA ASP B 117 21.95 -15.05 12.49
C ASP B 117 22.47 -13.79 13.20
N VAL B 118 21.62 -13.20 14.02
CA VAL B 118 22.00 -12.00 14.77
C VAL B 118 22.04 -12.35 16.24
N SER B 119 22.97 -11.73 16.97
CA SER B 119 23.12 -12.14 18.36
C SER B 119 23.95 -11.12 19.11
N VAL B 120 23.72 -11.08 20.43
CA VAL B 120 24.58 -10.40 21.39
C VAL B 120 24.84 -11.41 22.50
N GLY B 121 26.10 -11.77 22.69
CA GLY B 121 26.40 -12.89 23.60
C GLY B 121 25.69 -14.13 23.13
N ASN B 122 25.13 -14.89 24.07
CA ASN B 122 24.37 -16.10 23.75
C ASN B 122 22.86 -15.83 23.72
N ASN B 123 22.46 -14.78 23.02
CA ASN B 123 21.05 -14.43 22.82
C ASN B 123 20.92 -13.87 21.42
N GLY B 124 19.82 -14.17 20.72
CA GLY B 124 19.69 -13.67 19.38
C GLY B 124 18.47 -14.22 18.66
N ILE B 125 18.42 -13.92 17.37
CA ILE B 125 17.38 -14.41 16.46
C ILE B 125 18.09 -14.98 15.26
N LYS B 126 17.67 -16.16 14.81
CA LYS B 126 18.35 -16.78 13.68
C LYS B 126 17.39 -17.66 12.89
N SER B 127 17.73 -17.86 11.62
CA SER B 127 16.98 -18.74 10.75
C SER B 127 17.55 -20.16 10.81
N GLU B 128 16.64 -21.14 10.70
CA GLU B 128 17.03 -22.55 10.65
C GLU B 128 16.56 -23.21 9.37
N SER B 129 16.26 -22.42 8.33
CA SER B 129 15.78 -22.96 7.06
C SER B 129 16.38 -22.16 5.92
N GLU B 130 16.56 -22.81 4.77
CA GLU B 130 17.31 -22.22 3.68
C GLU B 130 16.61 -20.97 3.11
N ASP B 131 15.29 -20.94 3.14
CA ASP B 131 14.61 -19.73 2.71
C ASP B 131 14.71 -18.62 3.74
N ASN B 132 15.61 -18.77 4.72
CA ASN B 132 15.82 -17.82 5.81
C ASN B 132 14.50 -17.30 6.36
N LEU B 133 13.44 -18.12 6.30
CA LEU B 133 12.09 -17.64 6.60
C LEU B 133 11.13 -18.74 7.09
N SER B 134 11.32 -20.01 6.67
CA SER B 134 10.33 -21.07 6.94
C SER B 134 10.42 -21.66 8.34
N LYS B 135 11.59 -21.63 9.00
CA LYS B 135 11.69 -21.91 10.43
C LYS B 135 12.66 -20.90 11.04
N LEU B 136 12.23 -20.25 12.13
CA LEU B 136 12.96 -19.18 12.76
C LEU B 136 13.04 -19.41 14.27
N ARG B 137 14.02 -18.81 14.92
CA ARG B 137 14.28 -19.08 16.33
C ARG B 137 14.58 -17.79 17.06
N SER B 138 13.87 -17.56 18.16
CA SER B 138 14.21 -16.51 19.11
C SER B 138 14.64 -17.19 20.41
N TYR B 139 15.82 -16.81 20.91
CA TYR B 139 16.40 -17.50 22.07
C TYR B 139 17.12 -16.51 22.97
N SER B 140 17.13 -16.83 24.26
CA SER B 140 17.71 -15.96 25.28
C SER B 140 18.25 -16.82 26.42
N ASN B 141 19.41 -16.44 26.94
CA ASN B 141 20.05 -17.19 28.02
C ASN B 141 20.54 -16.26 29.12
N HIS B 142 19.62 -15.42 29.60
CA HIS B 142 19.86 -14.49 30.70
C HIS B 142 19.30 -15.08 31.98
N ASP B 143 19.91 -14.71 33.12
CA ASP B 143 19.52 -15.26 34.42
C ASP B 143 18.02 -15.18 34.64
N ASN B 144 17.39 -14.07 34.26
CA ASN B 144 15.96 -13.92 34.53
C ASN B 144 15.10 -14.00 33.28
N VAL B 145 15.68 -14.11 32.09
CA VAL B 145 14.95 -14.25 30.82
C VAL B 145 15.64 -15.35 30.02
N THR B 146 15.12 -16.56 30.08
CA THR B 146 15.70 -17.67 29.33
C THR B 146 14.59 -18.38 28.58
N PHE B 147 14.78 -18.58 27.28
CA PHE B 147 13.82 -19.29 26.46
C PHE B 147 14.49 -19.71 25.16
N ASP B 148 13.81 -20.60 24.44
CA ASP B 148 14.27 -21.09 23.14
C ASP B 148 13.02 -21.40 22.33
N ILE B 149 12.65 -20.49 21.43
CA ILE B 149 11.35 -20.53 20.75
C ILE B 149 11.56 -20.57 19.25
N THR B 150 10.97 -21.57 18.60
CA THR B 150 10.99 -21.64 17.14
C THR B 150 9.60 -21.34 16.60
N TYR B 151 9.54 -20.80 15.38
CA TYR B 151 8.25 -20.59 14.75
C TYR B 151 8.37 -20.77 13.24
N ASP B 152 7.27 -21.22 12.63
CA ASP B 152 7.16 -21.43 11.19
C ASP B 152 6.16 -20.44 10.62
N ALA B 153 6.52 -19.79 9.52
CA ALA B 153 5.76 -18.67 8.96
C ALA B 153 4.49 -19.12 8.26
N THR B 154 3.66 -19.90 8.95
CA THR B 154 2.44 -20.49 8.39
C THR B 154 1.26 -19.53 8.44
N THR B 155 1.46 -18.28 7.99
CA THR B 155 0.53 -17.20 8.30
C THR B 155 0.64 -16.11 7.22
N GLY B 156 -0.50 -15.60 6.77
CA GLY B 156 -0.49 -14.62 5.69
C GLY B 156 0.09 -13.28 6.15
N ALA B 157 1.02 -12.74 5.38
CA ALA B 157 1.80 -11.59 5.83
C ALA B 157 1.00 -10.30 5.86
N VAL B 158 1.38 -9.42 6.79
CA VAL B 158 0.90 -8.04 6.84
C VAL B 158 1.93 -7.19 6.11
N ALA B 159 1.56 -6.68 4.94
CA ALA B 159 2.46 -5.85 4.13
C ALA B 159 2.14 -4.39 4.44
N ASN B 160 2.91 -3.79 5.34
CA ASN B 160 2.57 -2.46 5.85
C ASN B 160 2.53 -1.45 4.70
N GLY B 161 1.54 -0.55 4.77
CA GLY B 161 1.34 0.42 3.72
C GLY B 161 0.66 -0.12 2.47
N GLY B 162 0.32 -1.41 2.45
CA GLY B 162 -0.32 -2.01 1.29
C GLY B 162 0.61 -2.91 0.49
N ALA B 163 1.80 -2.40 0.14
CA ALA B 163 2.78 -3.14 -0.65
C ALA B 163 4.10 -3.37 0.10
N GLY B 164 4.16 -3.04 1.39
CA GLY B 164 5.31 -3.35 2.21
C GLY B 164 6.22 -2.19 2.58
N THR B 165 5.95 -0.95 2.12
CA THR B 165 6.81 0.20 2.41
C THR B 165 5.96 1.45 2.72
N PHE B 166 6.50 2.36 3.53
CA PHE B 166 5.86 3.67 3.75
C PHE B 166 6.87 4.67 4.28
N GLN B 167 6.45 5.93 4.40
CA GLN B 167 7.34 7.01 4.83
C GLN B 167 7.45 7.01 6.35
N PHE B 168 8.67 7.06 6.85
CA PHE B 168 8.97 6.84 8.28
C PHE B 168 10.16 7.74 8.62
N GLY B 169 9.87 8.95 9.06
CA GLY B 169 10.91 9.93 9.30
C GLY B 169 11.23 10.68 8.04
N GLU B 170 12.50 11.00 7.81
CA GLU B 170 12.87 11.72 6.59
C GLU B 170 12.86 10.82 5.36
N GLY B 171 12.96 9.51 5.53
CA GLY B 171 12.96 8.62 4.40
C GLY B 171 12.03 7.43 4.53
N LEU B 172 12.37 6.35 3.84
CA LEU B 172 11.47 5.22 3.67
C LEU B 172 11.75 4.13 4.71
N THR B 173 10.70 3.36 5.01
CA THR B 173 10.87 2.14 5.78
C THR B 173 10.19 0.99 5.04
N TRP B 174 10.70 -0.22 5.27
CA TRP B 174 10.15 -1.45 4.72
C TRP B 174 9.81 -2.36 5.89
N GLU B 175 8.58 -2.87 5.91
CA GLU B 175 8.12 -3.64 7.07
C GLU B 175 7.10 -4.69 6.64
N PHE B 176 7.27 -5.92 7.14
CA PHE B 176 6.23 -6.94 7.07
C PHE B 176 6.06 -7.64 8.41
N GLY B 177 4.84 -8.08 8.68
CA GLY B 177 4.53 -8.85 9.86
C GLY B 177 4.04 -10.25 9.49
N LEU B 178 4.48 -11.25 10.25
CA LEU B 178 3.95 -12.60 10.10
C LEU B 178 3.14 -12.86 11.36
N PRO B 179 1.82 -12.73 11.31
CA PRO B 179 1.07 -12.46 12.55
C PRO B 179 0.78 -13.68 13.43
N SER B 180 0.57 -14.86 12.84
CA SER B 180 0.07 -16.01 13.60
C SER B 180 0.88 -17.28 13.31
N ALA B 181 2.20 -17.19 13.45
CA ALA B 181 3.07 -18.30 13.08
C ALA B 181 3.00 -19.43 14.10
N LYS B 182 3.02 -20.66 13.61
CA LYS B 182 3.03 -21.82 14.50
C LYS B 182 4.29 -21.82 15.36
N THR B 183 4.13 -22.03 16.67
CA THR B 183 5.18 -21.82 17.67
C THR B 183 5.45 -23.09 18.49
N GLU B 184 6.74 -23.41 18.68
CA GLU B 184 7.18 -24.55 19.49
C GLU B 184 8.36 -24.14 20.35
N GLY B 185 8.68 -24.97 21.34
CA GLY B 185 9.88 -24.81 22.15
C GLY B 185 9.55 -24.71 23.62
N SER B 186 10.30 -23.85 24.33
CA SER B 186 10.17 -23.74 25.76
C SER B 186 10.59 -22.35 26.22
N LEU B 187 10.19 -22.04 27.45
CA LEU B 187 10.80 -21.00 28.27
C LEU B 187 11.07 -21.60 29.66
N THR B 188 12.09 -21.07 30.34
CA THR B 188 12.51 -21.57 31.66
C THR B 188 12.14 -20.55 32.72
N VAL B 189 11.36 -20.99 33.71
CA VAL B 189 10.82 -20.11 34.74
C VAL B 189 11.20 -20.68 36.09
N HIS B 190 12.01 -19.93 36.84
CA HIS B 190 12.50 -20.34 38.16
C HIS B 190 12.98 -21.80 38.13
N GLY B 191 13.99 -22.05 37.30
CA GLY B 191 14.60 -23.35 37.21
C GLY B 191 13.87 -24.37 36.35
N GLU B 192 12.59 -24.18 36.07
CA GLU B 192 11.77 -25.22 35.45
C GLU B 192 11.52 -24.90 33.98
N LYS B 193 11.86 -25.84 33.11
CA LYS B 193 11.68 -25.70 31.67
C LYS B 193 10.23 -26.01 31.30
N LEU B 194 9.47 -25.00 30.91
CA LEU B 194 8.06 -25.19 30.53
C LEU B 194 7.96 -25.37 29.02
N ALA B 195 7.21 -26.40 28.59
CA ALA B 195 7.05 -26.71 27.18
C ALA B 195 5.88 -25.96 26.56
N ILE B 196 6.08 -25.45 25.35
CA ILE B 196 5.07 -24.68 24.62
C ILE B 196 4.10 -25.64 23.94
N ASP B 197 2.80 -25.35 24.06
CA ASP B 197 1.76 -26.10 23.35
C ASP B 197 1.48 -25.46 22.00
N PRO B 198 1.86 -26.10 20.88
CA PRO B 198 1.71 -25.45 19.56
C PRO B 198 0.26 -25.27 19.13
N ALA B 199 -0.68 -26.04 19.69
CA ALA B 199 -2.06 -25.85 19.25
C ALA B 199 -2.69 -24.61 19.86
N LYS B 200 -2.06 -24.03 20.89
CA LYS B 200 -2.64 -22.95 21.67
C LYS B 200 -1.67 -21.78 21.83
N SER B 201 -0.81 -21.58 20.84
CA SER B 201 0.22 -20.53 20.84
C SER B 201 0.31 -19.93 19.43
N HIS B 202 0.92 -18.75 19.34
CA HIS B 202 1.29 -18.20 18.04
C HIS B 202 2.28 -17.07 18.26
N THR B 203 3.02 -16.75 17.20
CA THR B 203 4.07 -15.74 17.26
C THR B 203 3.83 -14.73 16.15
N TRP B 204 3.87 -13.46 16.48
CA TRP B 204 3.93 -12.40 15.48
C TRP B 204 5.39 -12.03 15.29
N TYR B 205 5.92 -12.27 14.10
CA TYR B 205 7.29 -11.89 13.74
C TYR B 205 7.24 -10.63 12.88
N ASP B 206 8.00 -9.61 13.24
CA ASP B 206 7.98 -8.35 12.50
C ASP B 206 9.39 -8.01 12.02
N ARG B 207 9.53 -7.81 10.71
CA ARG B 207 10.80 -7.50 10.08
C ARG B 207 10.75 -6.07 9.52
N GLN B 208 11.72 -5.25 9.91
CA GLN B 208 11.72 -3.83 9.52
C GLN B 208 13.12 -3.29 9.27
N TRP B 209 13.30 -2.63 8.12
CA TRP B 209 14.59 -2.08 7.76
C TRP B 209 14.38 -0.77 7.01
N GLY B 210 15.44 0.02 6.91
CA GLY B 210 15.28 1.40 6.48
C GLY B 210 16.48 1.91 5.71
N ASN B 211 16.36 3.16 5.23
CA ASN B 211 17.37 3.80 4.40
C ASN B 211 17.84 5.13 5.00
N THR B 212 17.62 5.33 6.29
CA THR B 212 18.01 6.58 6.94
C THR B 212 18.09 6.33 8.44
N ALA B 213 18.82 7.22 9.11
CA ALA B 213 18.84 7.27 10.56
C ALA B 213 17.96 8.37 11.12
N ALA B 214 17.41 9.24 10.25
CA ALA B 214 16.47 10.28 10.67
C ALA B 214 15.07 9.68 10.72
N ILE B 215 14.78 9.01 11.83
CA ILE B 215 13.48 8.36 12.06
C ILE B 215 12.64 9.30 12.92
N PRO B 216 11.36 9.01 13.19
CA PRO B 216 10.59 9.93 14.04
C PRO B 216 11.17 10.01 15.45
N SER B 217 10.95 11.16 16.08
CA SER B 217 11.43 11.35 17.45
C SER B 217 10.74 10.39 18.43
N ASN B 218 9.49 10.02 18.18
CA ASN B 218 8.80 9.04 19.01
C ASN B 218 7.52 8.60 18.32
N TRP B 219 7.03 7.43 18.71
CA TRP B 219 5.87 6.84 18.06
C TRP B 219 5.16 5.89 18.99
N THR B 220 3.99 5.45 18.56
CA THR B 220 3.28 4.34 19.18
C THR B 220 2.90 3.37 18.07
N TRP B 221 3.15 2.08 18.28
CA TRP B 221 2.79 1.04 17.33
C TRP B 221 1.84 0.07 18.00
N PHE B 222 0.74 -0.28 17.32
CA PHE B 222 -0.20 -1.29 17.80
C PHE B 222 -0.15 -2.52 16.91
N GLN B 223 -0.20 -3.68 17.56
CA GLN B 223 -0.31 -4.99 16.92
C GLN B 223 -1.55 -5.66 17.50
N LEU B 224 -2.62 -5.79 16.70
CA LEU B 224 -3.89 -6.27 17.23
C LEU B 224 -4.36 -7.56 16.58
N HIS B 225 -4.97 -8.44 17.38
CA HIS B 225 -5.62 -9.68 16.93
C HIS B 225 -7.09 -9.66 17.38
N ILE B 226 -7.98 -10.08 16.48
CA ILE B 226 -9.41 -10.12 16.79
C ILE B 226 -9.85 -11.57 16.65
N PRO B 227 -9.86 -12.34 17.73
CA PRO B 227 -10.02 -13.80 17.64
C PRO B 227 -11.18 -14.32 16.79
N SER B 228 -12.32 -13.65 16.71
CA SER B 228 -13.39 -14.24 15.90
C SER B 228 -13.20 -14.05 14.39
N THR B 229 -12.11 -13.44 13.95
CA THR B 229 -11.94 -12.97 12.58
C THR B 229 -10.52 -13.24 12.11
N GLU B 230 -10.30 -12.99 10.82
CA GLU B 230 -8.98 -13.08 10.22
C GLU B 230 -8.26 -11.73 10.16
N TYR B 231 -8.78 -10.71 10.84
CA TYR B 231 -8.15 -9.40 10.79
C TYR B 231 -6.90 -9.32 11.65
N LYS B 232 -5.80 -8.85 11.06
CA LYS B 232 -4.55 -8.58 11.77
C LYS B 232 -4.18 -7.13 11.50
N ILE B 233 -3.98 -6.36 12.56
CA ILE B 233 -3.83 -4.91 12.44
C ILE B 233 -2.42 -4.49 12.83
N SER B 234 -1.80 -3.66 12.00
CA SER B 234 -0.51 -3.06 12.29
C SER B 234 -0.68 -1.54 12.14
N ALA B 235 -0.67 -0.81 13.26
CA ALA B 235 -1.07 0.61 13.29
C ALA B 235 0.07 1.46 13.84
N TRP B 236 0.38 2.56 13.13
CA TRP B 236 1.49 3.46 13.45
C TRP B 236 0.97 4.88 13.69
N ILE B 237 1.42 5.49 14.78
CA ILE B 237 1.13 6.90 15.06
C ILE B 237 2.44 7.62 15.36
N PHE B 238 2.75 8.66 14.58
CA PHE B 238 3.87 9.54 14.88
C PHE B 238 3.76 10.82 14.05
N SER B 239 4.50 11.87 14.48
CA SER B 239 4.58 13.13 13.74
C SER B 239 5.68 13.07 12.68
N ASP B 240 5.41 13.69 11.53
CA ASP B 240 6.39 13.84 10.46
C ASP B 240 6.81 15.31 10.35
N PRO B 241 7.93 15.71 10.98
CA PRO B 241 8.32 17.13 10.98
C PRO B 241 9.02 17.58 9.71
N PHE B 242 9.27 16.66 8.77
CA PHE B 242 9.84 16.94 7.45
C PHE B 242 8.78 17.30 6.41
N ARG B 243 7.64 16.62 6.41
CA ARG B 243 6.51 17.04 5.59
C ARG B 243 5.54 17.96 6.35
N ASN B 244 5.76 18.16 7.66
CA ASN B 244 4.84 18.90 8.55
C ASN B 244 3.43 18.31 8.57
N THR B 245 3.34 16.99 8.78
CA THR B 245 2.05 16.29 8.81
C THR B 245 2.04 15.29 9.97
N GLU B 246 0.86 14.77 10.26
CA GLU B 246 0.70 13.72 11.28
C GLU B 246 0.42 12.40 10.58
N THR B 247 1.25 11.40 10.86
CA THR B 247 1.00 10.04 10.42
C THR B 247 0.18 9.33 11.48
N ARG B 248 -0.91 8.69 11.04
CA ARG B 248 -1.82 7.98 11.93
C ARG B 248 -2.66 7.06 11.04
N PHE B 249 -2.26 5.79 10.95
CA PHE B 249 -2.92 4.89 10.01
C PHE B 249 -2.75 3.46 10.48
N ALA B 250 -3.58 2.58 9.91
CA ALA B 250 -3.54 1.14 10.16
C ALA B 250 -3.42 0.41 8.83
N THR B 251 -2.56 -0.61 8.79
CA THR B 251 -2.58 -1.62 7.73
C THR B 251 -3.30 -2.83 8.30
N ILE B 252 -4.36 -3.27 7.64
CA ILE B 252 -5.17 -4.36 8.13
C ILE B 252 -5.15 -5.48 7.10
N ARG B 253 -4.62 -6.64 7.48
CA ARG B 253 -4.71 -7.82 6.64
C ARG B 253 -5.95 -8.61 7.04
N GLY B 254 -6.83 -8.87 6.07
CA GLY B 254 -8.01 -9.68 6.34
C GLY B 254 -7.96 -11.05 5.69
N ALA B 255 -9.12 -11.52 5.22
CA ALA B 255 -9.22 -12.80 4.55
C ALA B 255 -8.87 -12.66 3.07
N ASN B 256 -8.37 -13.76 2.48
CA ASN B 256 -8.15 -13.84 1.03
C ASN B 256 -7.14 -12.80 0.53
N ASP B 257 -6.09 -12.54 1.31
CA ASP B 257 -5.03 -11.56 1.04
C ASP B 257 -5.51 -10.11 1.04
N GLU B 258 -6.80 -9.84 1.32
CA GLU B 258 -7.32 -8.47 1.27
C GLU B 258 -6.60 -7.58 2.29
N THR B 259 -6.19 -6.38 1.86
CA THR B 259 -5.42 -5.46 2.71
C THR B 259 -6.12 -4.10 2.74
N LEU B 260 -6.30 -3.53 3.94
CA LEU B 260 -6.87 -2.20 4.06
C LEU B 260 -5.81 -1.23 4.57
N VAL B 261 -5.74 -0.05 3.96
CA VAL B 261 -4.84 1.01 4.42
C VAL B 261 -5.71 2.20 4.78
N LEU B 262 -5.84 2.46 6.09
CA LEU B 262 -6.91 3.32 6.59
C LEU B 262 -6.36 4.32 7.60
N PRO B 263 -6.79 5.58 7.49
CA PRO B 263 -6.47 6.58 8.52
C PRO B 263 -7.18 6.27 9.83
N LEU B 264 -6.61 6.74 10.93
CA LEU B 264 -7.21 6.54 12.24
C LEU B 264 -7.04 7.79 13.10
N GLU B 265 -7.85 7.86 14.16
CA GLU B 265 -7.71 8.90 15.18
C GLU B 265 -7.20 8.25 16.45
N PHE B 266 -6.15 8.83 17.04
CA PHE B 266 -5.42 8.27 18.17
C PHE B 266 -5.64 9.14 19.41
N THR B 267 -6.07 8.52 20.50
CA THR B 267 -6.23 9.21 21.79
C THR B 267 -5.53 8.46 22.91
N PRO B 268 -4.43 9.00 23.46
CA PRO B 268 -3.83 8.42 24.66
C PRO B 268 -4.53 8.88 25.94
N ILE B 269 -4.65 7.97 26.90
CA ILE B 269 -5.43 8.23 28.11
C ILE B 269 -4.53 8.05 29.32
N TYR B 270 -4.41 9.11 30.13
CA TYR B 270 -3.47 9.14 31.25
C TYR B 270 -4.15 8.98 32.59
N LYS B 271 -5.36 8.42 32.63
CA LYS B 271 -5.94 8.08 33.92
C LYS B 271 -5.04 7.08 34.66
N ARG B 272 -4.51 6.08 33.95
CA ARG B 272 -3.49 5.18 34.45
C ARG B 272 -2.20 5.44 33.69
N THR B 273 -1.08 5.53 34.42
CA THR B 273 0.21 5.84 33.81
C THR B 273 1.28 4.94 34.42
N TYR B 274 2.41 4.84 33.75
CA TYR B 274 3.60 4.19 34.30
C TYR B 274 4.78 5.09 34.03
N GLU B 275 5.51 5.45 35.09
CA GLU B 275 6.64 6.34 34.93
C GLU B 275 7.87 5.52 34.56
N SER B 276 8.54 5.94 33.48
CA SER B 276 9.75 5.26 33.06
C SER B 276 10.78 5.21 34.18
N ALA B 277 11.45 4.06 34.31
CA ALA B 277 12.55 3.94 35.24
C ALA B 277 13.63 4.99 34.97
N THR B 278 13.84 5.35 33.71
CA THR B 278 14.79 6.39 33.35
C THR B 278 14.35 7.76 33.84
N GLY B 279 13.11 7.89 34.30
CA GLY B 279 12.56 9.15 34.73
C GLY B 279 12.31 10.18 33.65
N ARG B 280 12.52 9.84 32.38
CA ARG B 280 12.43 10.83 31.31
C ARG B 280 11.04 10.97 30.70
N VAL B 281 10.16 9.98 30.88
CA VAL B 281 8.85 9.98 30.23
C VAL B 281 7.86 9.27 31.13
N THR B 282 6.58 9.65 31.02
CA THR B 282 5.50 8.90 31.63
C THR B 282 4.62 8.32 30.52
N TYR B 283 4.37 7.01 30.58
CA TYR B 283 3.60 6.29 29.58
C TYR B 283 2.11 6.25 29.94
N PRO B 284 1.22 6.47 28.98
CA PRO B 284 -0.19 6.15 29.19
C PRO B 284 -0.42 4.65 29.12
N LEU B 285 -1.52 4.21 29.75
CA LEU B 285 -1.83 2.78 29.79
C LEU B 285 -3.20 2.44 29.24
N ASP B 286 -3.94 3.40 28.70
CA ASP B 286 -5.17 3.13 27.96
C ASP B 286 -5.19 4.00 26.71
N TRP B 287 -5.99 3.60 25.72
CA TRP B 287 -6.03 4.33 24.45
C TRP B 287 -7.39 4.12 23.79
N LYS B 288 -7.71 5.04 22.88
CA LYS B 288 -8.82 4.89 21.95
C LYS B 288 -8.27 4.99 20.55
N LEU B 289 -8.70 4.09 19.67
CA LEU B 289 -8.43 4.17 18.24
C LEU B 289 -9.74 4.18 17.49
N LYS B 290 -9.90 5.13 16.56
CA LYS B 290 -11.06 5.16 15.65
C LYS B 290 -10.50 5.02 14.23
N ILE B 291 -10.66 3.84 13.66
CA ILE B 291 -10.09 3.49 12.36
C ILE B 291 -11.15 3.74 11.31
N SER B 292 -10.91 4.71 10.44
CA SER B 292 -11.92 5.21 9.52
C SER B 292 -12.56 4.10 8.67
N GLY B 293 -13.88 4.00 8.76
CA GLY B 293 -14.64 3.04 8.00
C GLY B 293 -14.53 1.61 8.46
N PHE B 294 -13.80 1.34 9.55
CA PHE B 294 -13.59 -0.02 10.02
C PHE B 294 -14.17 -0.24 11.40
N GLY B 295 -13.76 0.53 12.41
CA GLY B 295 -14.29 0.37 13.74
C GLY B 295 -13.54 1.21 14.76
N ASP B 296 -13.99 1.10 16.01
CA ASP B 296 -13.39 1.84 17.10
C ASP B 296 -13.04 0.89 18.25
N PHE B 297 -12.06 1.27 19.03
CA PHE B 297 -11.45 0.35 19.99
C PHE B 297 -11.05 1.10 21.25
N LYS B 298 -11.28 0.48 22.40
CA LYS B 298 -10.78 0.96 23.68
C LYS B 298 -9.74 -0.05 24.16
N LEU B 299 -8.48 0.37 24.27
CA LEU B 299 -7.39 -0.55 24.55
C LEU B 299 -6.81 -0.25 25.93
N SER B 300 -6.38 -1.31 26.64
CA SER B 300 -5.85 -1.19 28.01
C SER B 300 -4.62 -2.07 28.20
N SER B 301 -3.57 -1.50 28.80
CA SER B 301 -2.39 -2.27 29.16
C SER B 301 -2.73 -3.29 30.25
N TYR B 302 -2.24 -4.51 30.06
CA TYR B 302 -2.60 -5.61 30.96
C TYR B 302 -2.09 -5.37 32.37
N THR B 303 -0.89 -4.79 32.49
CA THR B 303 -0.30 -4.47 33.78
C THR B 303 0.61 -3.26 33.58
N GLU B 304 0.96 -2.62 34.70
CA GLU B 304 1.60 -1.29 34.66
C GLU B 304 3.00 -1.33 34.05
N ASP B 305 3.93 -2.06 34.69
CA ASP B 305 5.34 -2.06 34.29
C ASP B 305 5.57 -3.10 33.20
N GLN B 306 5.71 -2.65 31.96
CA GLN B 306 6.09 -3.53 30.85
C GLN B 306 7.14 -2.84 29.98
N GLU B 307 8.14 -2.24 30.63
CA GLU B 307 9.16 -1.43 29.96
C GLU B 307 10.50 -2.16 29.90
N LEU B 308 11.07 -2.25 28.70
CA LEU B 308 12.45 -2.68 28.54
C LEU B 308 13.36 -1.48 28.75
N VAL B 309 14.26 -1.58 29.75
CA VAL B 309 15.01 -0.43 30.27
C VAL B 309 16.42 -0.45 29.70
N GLY B 310 16.72 0.51 28.82
CA GLY B 310 18.02 0.63 28.21
C GLY B 310 18.84 1.78 28.78
N GLU B 311 20.07 1.89 28.27
CA GLU B 311 20.98 2.95 28.70
C GLU B 311 20.65 4.30 28.05
N ASP B 312 20.06 4.29 26.85
CA ASP B 312 19.62 5.52 26.21
C ASP B 312 18.19 5.38 25.68
N ALA B 313 17.73 6.37 24.92
CA ALA B 313 16.33 6.40 24.51
C ALA B 313 16.04 5.29 23.51
N LEU B 314 16.89 5.15 22.49
CA LEU B 314 16.65 4.15 21.45
C LEU B 314 16.71 2.73 22.00
N GLN B 315 17.37 2.50 23.14
CA GLN B 315 17.46 1.20 23.78
C GLN B 315 16.29 0.91 24.71
N THR B 316 15.45 1.90 24.98
CA THR B 316 14.32 1.80 25.90
C THR B 316 13.01 1.69 25.11
N ALA B 317 12.04 0.96 25.65
CA ALA B 317 10.74 0.85 25.01
C ALA B 317 9.72 0.32 26.00
N TYR B 318 8.52 0.88 25.94
CA TYR B 318 7.37 0.21 26.52
C TYR B 318 6.87 -0.80 25.48
N GLU B 319 6.83 -2.08 25.85
CA GLU B 319 6.44 -3.18 24.99
C GLU B 319 5.45 -4.03 25.80
N GLY B 320 4.17 -3.69 25.74
CA GLY B 320 3.20 -4.22 26.68
C GLY B 320 2.10 -5.02 26.01
N PHE B 321 1.76 -6.16 26.63
CA PHE B 321 0.53 -6.88 26.27
C PHE B 321 -0.68 -6.03 26.65
N ILE B 322 -1.70 -6.06 25.78
CA ILE B 322 -2.89 -5.24 25.92
C ILE B 322 -4.10 -6.08 25.55
N THR B 323 -5.26 -5.67 26.07
CA THR B 323 -6.55 -6.21 25.64
C THR B 323 -7.44 -5.04 25.26
N PHE B 324 -8.49 -5.33 24.51
CA PHE B 324 -9.33 -4.25 24.02
C PHE B 324 -10.73 -4.76 23.69
N SER B 325 -11.68 -3.84 23.72
CA SER B 325 -13.02 -4.07 23.19
C SER B 325 -13.29 -3.05 22.10
N GLY B 326 -14.37 -3.27 21.37
CA GLY B 326 -14.78 -2.31 20.37
C GLY B 326 -15.73 -2.96 19.37
N ASN B 327 -15.82 -2.32 18.22
CA ASN B 327 -16.71 -2.79 17.16
CA ASN B 327 -16.72 -2.76 17.17
C ASN B 327 -15.97 -2.80 15.85
N VAL B 328 -16.29 -3.78 15.02
CA VAL B 328 -15.87 -3.82 13.64
C VAL B 328 -17.12 -3.85 12.79
N HIS B 329 -17.29 -2.83 11.94
CA HIS B 329 -18.49 -2.67 11.13
C HIS B 329 -19.74 -2.86 11.99
N SER B 330 -19.72 -2.20 13.16
CA SER B 330 -20.87 -2.13 14.07
C SER B 330 -21.32 -3.51 14.58
N LYS B 331 -20.36 -4.41 14.82
CA LYS B 331 -20.63 -5.57 15.64
C LYS B 331 -19.56 -5.66 16.72
N PRO B 332 -19.94 -5.96 17.97
CA PRO B 332 -18.95 -5.93 19.06
C PRO B 332 -17.87 -6.99 18.89
N VAL B 333 -16.65 -6.65 19.30
CA VAL B 333 -15.52 -7.56 19.28
C VAL B 333 -14.69 -7.36 20.53
N GLN B 334 -13.89 -8.36 20.85
CA GLN B 334 -12.86 -8.23 21.88
C GLN B 334 -11.57 -8.80 21.31
N GLY B 335 -10.45 -8.31 21.81
CA GLY B 335 -9.20 -8.75 21.25
C GLY B 335 -8.06 -8.54 22.21
N TYR B 336 -6.86 -8.80 21.69
CA TYR B 336 -5.63 -8.64 22.46
C TYR B 336 -4.52 -8.29 21.49
N GLY B 337 -3.40 -7.86 22.04
CA GLY B 337 -2.21 -7.71 21.23
C GLY B 337 -1.12 -7.00 21.97
N LEU B 338 -0.39 -6.11 21.27
CA LEU B 338 0.74 -5.44 21.89
C LEU B 338 0.76 -3.96 21.49
N VAL B 339 1.16 -3.13 22.44
CA VAL B 339 1.48 -1.73 22.17
C VAL B 339 2.98 -1.55 22.35
N GLU B 340 3.59 -0.81 21.44
CA GLU B 340 4.97 -0.39 21.58
C GLU B 340 5.01 1.13 21.61
N ILE B 341 5.63 1.69 22.64
CA ILE B 341 5.88 3.13 22.74
C ILE B 341 7.39 3.32 22.76
N VAL B 342 7.92 4.06 21.79
CA VAL B 342 9.36 4.31 21.67
C VAL B 342 9.62 5.80 21.54
N TYR B 343 10.66 6.28 22.25
CA TYR B 343 11.29 7.58 22.02
C TYR B 343 12.67 7.35 21.42
N SER B 344 12.90 7.84 20.20
CA SER B 344 14.24 7.71 19.64
C SER B 344 15.19 8.75 20.23
N THR B 345 14.64 9.83 20.76
CA THR B 345 15.40 10.83 21.49
C THR B 345 14.49 11.37 22.60
N TRP B 346 15.10 11.74 23.72
CA TRP B 346 14.37 12.36 24.81
C TRP B 346 14.41 13.88 24.77
N ASP B 347 14.98 14.46 23.70
CA ASP B 347 15.19 15.90 23.60
C ASP B 347 13.96 16.60 23.04
N VAL B 348 13.78 17.86 23.45
CA VAL B 348 12.74 18.73 22.91
C VAL B 348 13.36 19.85 22.07
C1 NAG C . -1.26 -10.83 -22.34
C2 NAG C . -2.69 -10.91 -21.78
C3 NAG C . -3.20 -12.35 -21.80
C4 NAG C . -2.99 -13.04 -23.14
C5 NAG C . -1.56 -12.82 -23.65
C6 NAG C . -1.35 -13.31 -25.06
C7 NAG C . -3.53 -9.42 -20.01
C8 NAG C . -3.50 -9.11 -18.56
N2 NAG C . -2.74 -10.41 -20.42
O3 NAG C . -4.59 -12.36 -21.48
O4 NAG C . -3.14 -14.44 -22.91
O5 NAG C . -1.23 -11.42 -23.63
O6 NAG C . -2.11 -12.54 -25.99
O7 NAG C . -4.23 -8.78 -20.80
C1 NAG C . -4.14 -15.14 -23.66
C2 NAG C . -3.66 -16.58 -23.61
C3 NAG C . -4.62 -17.49 -24.36
C4 NAG C . -6.05 -17.27 -23.87
C5 NAG C . -6.41 -15.79 -23.84
C6 NAG C . -7.74 -15.52 -23.18
C7 NAG C . -1.23 -16.76 -23.34
C8 NAG C . 0.09 -16.91 -24.05
N2 NAG C . -2.31 -16.72 -24.13
O3 NAG C . -4.23 -18.84 -24.13
O4 NAG C . -6.96 -17.90 -24.77
O5 NAG C . -5.43 -15.04 -23.10
O6 NAG C . -7.87 -16.15 -21.92
O7 NAG C . -1.32 -16.70 -22.11
C1 BMA C . -7.39 -19.19 -24.30
C2 BMA C . -8.84 -19.43 -24.85
C3 BMA C . -9.27 -20.89 -24.66
C4 BMA C . -8.15 -21.82 -25.13
C5 BMA C . -6.83 -21.46 -24.41
C6 BMA C . -5.67 -22.32 -24.86
O2 BMA C . -8.88 -19.18 -26.25
O3 BMA C . -10.48 -21.13 -25.42
O4 BMA C . -8.47 -23.19 -24.88
O5 BMA C . -6.49 -20.14 -24.76
O6 BMA C . -4.55 -21.90 -24.10
C1 MAN C . -11.40 -21.95 -24.69
C2 MAN C . -12.48 -22.44 -25.71
C3 MAN C . -13.31 -21.23 -26.16
C4 MAN C . -13.92 -20.52 -24.94
C5 MAN C . -12.79 -20.06 -24.00
C6 MAN C . -13.29 -19.36 -22.73
O2 MAN C . -13.43 -23.35 -25.07
O3 MAN C . -14.33 -21.58 -27.09
O4 MAN C . -14.67 -19.40 -25.35
O5 MAN C . -11.99 -21.23 -23.61
O6 MAN C . -13.74 -20.35 -21.81
C1 MAN C . -13.38 -24.66 -25.67
C2 MAN C . -14.70 -25.38 -25.30
C3 MAN C . -14.73 -25.60 -23.78
C4 MAN C . -13.47 -26.39 -23.32
C5 MAN C . -12.18 -25.66 -23.79
C6 MAN C . -10.92 -26.46 -23.50
O2 MAN C . -14.74 -26.71 -25.88
O3 MAN C . -15.95 -26.25 -23.34
O4 MAN C . -13.45 -26.50 -21.90
O5 MAN C . -12.23 -25.40 -25.22
O6 MAN C . -11.03 -27.72 -24.16
C1 MAN C . -15.78 -26.81 -26.88
C2 MAN C . -15.83 -28.30 -27.36
C3 MAN C . -14.56 -28.64 -28.18
C4 MAN C . -14.32 -27.62 -29.31
C5 MAN C . -14.30 -26.19 -28.71
C6 MAN C . -14.22 -25.10 -29.72
O2 MAN C . -16.93 -28.53 -28.25
O3 MAN C . -14.63 -29.98 -28.71
O4 MAN C . -13.08 -27.90 -29.96
O5 MAN C . -15.52 -25.93 -27.95
O6 MAN C . -15.41 -25.11 -30.51
C1 MAN C . -3.54 -22.90 -24.32
C2 MAN C . -2.58 -22.76 -23.17
C3 MAN C . -1.77 -21.46 -23.29
C4 MAN C . -1.11 -21.32 -24.67
C5 MAN C . -2.19 -21.45 -25.76
C6 MAN C . -1.64 -21.48 -27.15
O2 MAN C . -1.65 -23.79 -23.24
O3 MAN C . -0.76 -21.41 -22.29
O4 MAN C . -0.45 -20.05 -24.76
O5 MAN C . -2.86 -22.70 -25.58
O6 MAN C . -0.51 -22.37 -27.12
C1 MAN C . 0.20 -22.33 -28.37
C2 MAN C . 1.34 -23.34 -28.22
C3 MAN C . 2.37 -22.82 -27.23
C4 MAN C . 2.82 -21.34 -27.55
C5 MAN C . 1.63 -20.44 -27.74
C6 MAN C . 2.08 -19.05 -28.27
O2 MAN C . 2.05 -23.44 -29.44
O3 MAN C . 3.49 -23.67 -27.23
O4 MAN C . 3.62 -20.76 -26.50
O5 MAN C . 0.72 -21.03 -28.70
O6 MAN C . 0.99 -18.41 -28.91
C1 MAN C . 1.51 -24.48 -30.31
C2 MAN C . 2.61 -24.84 -31.34
C3 MAN C . 2.84 -23.60 -32.24
C4 MAN C . 1.54 -23.16 -32.93
C5 MAN C . 0.43 -22.95 -31.90
C6 MAN C . -0.94 -22.78 -32.54
O2 MAN C . 2.15 -25.90 -32.20
O3 MAN C . 3.82 -23.82 -33.24
O4 MAN C . 1.80 -21.91 -33.63
O5 MAN C . 0.33 -24.06 -30.97
O6 MAN C . -1.78 -22.03 -31.62
C1 MAN C . -0.82 -20.19 -21.52
C2 MAN C . 0.39 -20.16 -20.62
C3 MAN C . 0.31 -21.41 -19.72
C4 MAN C . -0.98 -21.40 -18.89
C5 MAN C . -2.18 -21.26 -19.81
C6 MAN C . -3.48 -20.99 -19.05
O2 MAN C . 0.36 -19.00 -19.75
O3 MAN C . 1.44 -21.57 -18.86
O4 MAN C . -1.09 -22.62 -18.19
O5 MAN C . -1.99 -20.15 -20.74
O6 MAN C . -4.58 -21.17 -19.98
C1 NAG D . 5.30 11.54 21.17
C2 NAG D . 3.85 11.09 21.40
C3 NAG D . 2.97 12.29 21.79
C4 NAG D . 3.59 13.15 22.90
C5 NAG D . 5.07 13.44 22.62
C6 NAG D . 5.77 14.05 23.81
C7 NAG D . 2.84 9.20 20.22
C8 NAG D . 2.24 8.72 18.94
N2 NAG D . 3.29 10.45 20.22
O3 NAG D . 1.70 11.79 22.19
O4 NAG D . 2.91 14.39 22.88
O5 NAG D . 5.77 12.23 22.33
O6 NAG D . 5.80 13.14 24.90
O7 NAG D . 3.00 8.45 21.19
C1 NAG D . 2.34 14.83 24.13
C2 NAG D . 2.13 16.34 23.96
C3 NAG D . 1.45 16.93 25.19
C4 NAG D . 0.19 16.15 25.55
C5 NAG D . 0.50 14.65 25.63
C6 NAG D . -0.74 13.81 25.83
C7 NAG D . 3.84 17.27 22.45
C8 NAG D . 5.17 17.94 22.37
N2 NAG D . 3.40 17.01 23.69
O3 NAG D . 1.12 18.29 24.91
O4 NAG D . -0.30 16.55 26.82
O5 NAG D . 1.12 14.21 24.42
O6 NAG D . -1.62 13.99 24.73
O7 NAG D . 3.17 17.00 21.45
C1 BMA D . -1.27 17.61 26.73
C2 BMA D . -2.27 17.42 27.87
C3 BMA D . -3.20 18.63 28.02
C4 BMA D . -2.40 19.93 28.07
C5 BMA D . -1.51 20.00 26.81
C6 BMA D . -0.65 21.23 26.77
O2 BMA D . -1.54 17.36 29.09
O3 BMA D . -3.93 18.49 29.23
O4 BMA D . -3.27 21.05 28.13
O5 BMA D . -0.62 18.86 26.83
O6 BMA D . 0.05 21.19 25.53
C1 MAN D . -5.32 18.87 29.10
C2 MAN D . -5.90 18.70 30.53
C3 MAN D . -5.95 17.21 30.87
C4 MAN D . -6.74 16.45 29.80
C5 MAN D . -6.04 16.65 28.45
C6 MAN D . -6.73 15.95 27.29
O2 MAN D . -7.23 19.14 30.60
O3 MAN D . -6.53 17.00 32.13
O4 MAN D . -6.73 15.07 30.12
O5 MAN D . -5.99 18.08 28.16
O6 MAN D . -7.74 16.82 26.76
C1 MAN D . -7.33 20.39 31.29
C2 MAN D . -8.83 20.58 31.60
C3 MAN D . -9.54 20.68 30.25
C4 MAN D . -9.02 21.91 29.49
C5 MAN D . -7.51 21.77 29.26
C6 MAN D . -6.87 22.98 28.56
O2 MAN D . -9.07 21.82 32.23
O3 MAN D . -10.94 20.79 30.36
O4 MAN D . -9.68 21.99 28.26
O5 MAN D . -6.80 21.49 30.54
O6 MAN D . -7.16 24.17 29.30
C1 MAN D . -8.91 21.74 33.66
C2 MAN D . -9.60 23.01 34.20
C3 MAN D . -8.74 24.26 33.83
C4 MAN D . -7.28 24.11 34.21
C5 MAN D . -6.70 22.78 33.71
C6 MAN D . -5.33 22.52 34.31
O2 MAN D . -9.69 22.96 35.62
O3 MAN D . -9.24 25.48 34.39
O4 MAN D . -6.51 25.17 33.63
O5 MAN D . -7.55 21.66 34.06
O6 MAN D . -4.91 21.23 33.85
C1 MAN D . 0.67 22.46 25.30
C2 MAN D . 0.90 22.55 23.77
C3 MAN D . 2.03 21.60 23.31
C4 MAN D . 3.30 21.80 24.17
C5 MAN D . 2.94 21.62 25.66
C6 MAN D . 4.07 21.93 26.59
O2 MAN D . 1.34 23.85 23.41
O3 MAN D . 2.33 21.82 21.93
O4 MAN D . 4.34 20.87 23.76
O5 MAN D . 1.89 22.57 26.03
O6 MAN D . 4.68 23.09 26.08
C1 MAN D . 5.75 23.53 26.92
C2 MAN D . 6.22 24.90 26.40
C3 MAN D . 6.75 24.71 24.98
C4 MAN D . 7.84 23.57 24.93
C5 MAN D . 7.34 22.28 25.61
C6 MAN D . 8.50 21.25 25.81
O2 MAN D . 7.38 25.36 27.13
O3 MAN D . 7.28 25.95 24.42
O4 MAN D . 8.20 23.28 23.60
O5 MAN D . 6.81 22.58 26.91
O6 MAN D . 7.96 20.05 26.40
C1 MAN D . 7.03 26.12 28.30
C2 MAN D . 8.28 26.94 28.66
C3 MAN D . 9.37 25.99 29.25
C4 MAN D . 8.83 25.13 30.41
C5 MAN D . 7.61 24.35 29.95
C6 MAN D . 6.95 23.56 31.08
O2 MAN D . 7.95 27.93 29.66
O3 MAN D . 10.51 26.66 29.69
O4 MAN D . 9.83 24.23 30.85
O5 MAN D . 6.62 25.29 29.42
O6 MAN D . 5.82 22.83 30.56
C1 MAN D . 2.23 20.61 21.12
C2 MAN D . 2.82 20.93 19.76
C3 MAN D . 1.97 22.02 19.11
C4 MAN D . 0.49 21.60 19.03
C5 MAN D . 0.00 21.17 20.41
C6 MAN D . -1.41 20.60 20.40
O2 MAN D . 2.73 19.79 18.88
O3 MAN D . 2.44 22.36 17.82
O4 MAN D . -0.31 22.70 18.61
O5 MAN D . 0.90 20.17 20.98
O6 MAN D . -2.16 21.30 21.39
N1 IMD E . -2.04 3.45 -17.93
C2 IMD E . -2.01 3.25 -16.60
N3 IMD E . -2.32 4.42 -15.99
C4 IMD E . -2.55 5.35 -16.95
C5 IMD E . -2.38 4.73 -18.18
C1 NAG F . 27.65 -6.33 3.06
C2 NAG F . 27.85 -4.87 2.57
C3 NAG F . 28.02 -4.80 1.04
C4 NAG F . 29.00 -5.85 0.52
C5 NAG F . 28.56 -7.21 1.00
C6 NAG F . 29.46 -8.34 0.55
C7 NAG F . 26.22 -3.91 4.21
C8 NAG F . 25.05 -2.98 4.35
N2 NAG F . 26.72 -4.02 2.96
O3 NAG F . 28.49 -3.50 0.70
O4 NAG F . 29.00 -5.83 -0.91
O5 NAG F . 28.60 -7.20 2.42
O6 NAG F . 30.31 -7.93 -0.50
O7 NAG F . 26.68 -4.52 5.16
N1 IMD G . 7.47 -3.77 14.83
C2 IMD G . 7.31 -2.43 14.91
N3 IMD G . 7.75 -2.04 16.12
C4 IMD G . 8.19 -3.12 16.80
C5 IMD G . 8.00 -4.22 15.98
#